data_9IZS
#
_entry.id   9IZS
#
_cell.length_a   1.00
_cell.length_b   1.00
_cell.length_c   1.00
_cell.angle_alpha   90.00
_cell.angle_beta   90.00
_cell.angle_gamma   90.00
#
_symmetry.space_group_name_H-M   'P 1'
#
loop_
_entity.id
_entity.type
_entity.pdbx_description
1 polymer 'Cas Lambda2'
2 polymer 'RNA (58-MER)'
3 polymer 'DNA (40-MER)'
4 polymer 'DNA (40-MER)'
5 non-polymer 'MAGNESIUM ION'
#
loop_
_entity_poly.entity_id
_entity_poly.type
_entity_poly.pdbx_seq_one_letter_code
_entity_poly.pdbx_strand_id
1 'polypeptide(L)'
;MGHHHHHHGGMKKSIKFKVKGNCPITKDVINEYKEYYNKCSDWIKNNLTSITIGEMAKFLQETLGKDVAYISMGLSDEWK
DKPLYHLFTKKYHTNNADNLLYYYIKEKNLDGYKGNTLNIGNTFFRQFGYFKLVVSNYRTKIRTLNCEIKRKKIDADSTS
EDIEMQTMYEIIKHNLNKKTDWDEFISYIENVENPNIDNINRYKLLRKCFCENENMIKNKLELLSIEQLKNFGGCIMKQH
INSMTLIIQHFKIEEKENSLGFILNLPLNKKQYQIELWGNRQVNKGTKERDAFLNTYGENIVFIINNDELYVVFSYEYEL
EKEEANFVKTVGLDVNFKHAFFVTSEKDNCHLDGYINLYKYLLEHDEFTNLLTNDEKKDYEELSKVVTFCPFENQLLFAR
YNKMSKFCKKEQVLSKLLYALQKQLKDENRTKEYIYVSCVNKLRAKYVSYFILKEKYYEKQKEYDIEMGFVDDSTESKES
MDKRRTEFPFRNTPVANELLSKLNNVQQDINGCLKNIINYIYKIFEQNGYKIVALENLENSNFEKKQVLPTIKSLLKYHK
LENQNVNDIKASDKVKEYIENGYYELITNENNEIVDAKYTEKGAMKVKNANFFNLMMKSLHFASVKDEFVLLSNNGKTQI
ALVPSEFTSQMDSTDHCLYMKKNDKGKLVKADKKEVRTKQEKHINGLNADFNAANNIKYIVENEVWREIFCTRPKKAEYN
VPSLDTTKKGPSAILHMLKKIEAIKILETEK
;
A
2 'polyribonucleotide' GGCUUGUUGUAUAUAUUCUUUUAUAGGUAUUAAACAACGGAGAUGAGGUGCGCGUGGC B
3 'polydeoxyribonucleotide' (DT)(DG)(DT)(DC)(DT)(DA)(DT)(DT)(DT)(DA)(DG)(DG)(DA)(DG)(DA) C
4 'polydeoxyribonucleotide'
;(AS)(PST)(AS)(PST)(GS)(AS)(PST)(GS)(GS)(PST)(GS)(SC)(DC)(DA)(DC)(DG)(DC)(DG)(DC)
(DA)(DC)(DC)(DT)(DC)(DA)(DT)(DC)(DT)(DC)(DC)(DT)(DA)(DA)(DA)(DT)(DA)(DG)(DA)(DC)
(DA)
;
D
#
# COMPACT_ATOMS: atom_id res chain seq x y z
N MET A 11 -7.71 -24.74 2.61
CA MET A 11 -8.23 -23.43 2.28
C MET A 11 -8.72 -23.39 0.83
N LYS A 12 -9.51 -22.38 0.50
CA LYS A 12 -10.05 -22.22 -0.85
C LYS A 12 -9.20 -21.25 -1.65
N LYS A 13 -8.94 -21.61 -2.89
CA LYS A 13 -8.24 -20.80 -3.88
C LYS A 13 -9.21 -20.44 -5.01
N SER A 14 -8.67 -19.81 -6.06
CA SER A 14 -9.47 -19.42 -7.22
C SER A 14 -8.78 -19.84 -8.50
N ILE A 15 -9.58 -19.96 -9.55
CA ILE A 15 -9.09 -20.06 -10.93
C ILE A 15 -10.01 -19.21 -11.78
N LYS A 16 -9.43 -18.38 -12.65
CA LYS A 16 -10.20 -17.67 -13.64
C LYS A 16 -10.28 -18.48 -14.92
N PHE A 17 -11.40 -18.35 -15.61
CA PHE A 17 -11.60 -18.95 -16.92
C PHE A 17 -12.14 -17.88 -17.86
N LYS A 18 -11.78 -18.02 -19.13
CA LYS A 18 -12.19 -17.11 -20.18
C LYS A 18 -13.29 -17.76 -20.99
N VAL A 19 -14.39 -17.03 -21.21
CA VAL A 19 -15.50 -17.56 -22.00
C VAL A 19 -15.12 -17.53 -23.46
N LYS A 20 -15.46 -18.60 -24.19
CA LYS A 20 -14.97 -18.73 -25.55
C LYS A 20 -15.88 -18.08 -26.59
N GLY A 21 -17.19 -18.22 -26.46
CA GLY A 21 -18.13 -17.68 -27.41
C GLY A 21 -18.82 -16.42 -26.90
N ASN A 22 -20.03 -16.18 -27.41
CA ASN A 22 -20.85 -15.07 -26.93
C ASN A 22 -21.63 -15.49 -25.69
N CYS A 23 -21.81 -14.53 -24.79
CA CYS A 23 -22.50 -14.79 -23.54
C CYS A 23 -23.60 -13.77 -23.33
N PRO A 24 -24.71 -14.17 -22.71
CA PRO A 24 -25.73 -13.18 -22.33
C PRO A 24 -25.26 -12.16 -21.31
N ILE A 25 -24.19 -12.45 -20.56
CA ILE A 25 -23.67 -11.52 -19.57
C ILE A 25 -22.97 -10.38 -20.31
N THR A 26 -23.64 -9.23 -20.40
CA THR A 26 -23.10 -8.04 -21.03
C THR A 26 -22.81 -6.99 -19.97
N LYS A 27 -22.41 -5.80 -20.42
CA LYS A 27 -22.14 -4.72 -19.48
C LYS A 27 -23.43 -4.12 -18.94
N ASP A 28 -24.53 -4.20 -19.71
CA ASP A 28 -25.79 -3.64 -19.24
C ASP A 28 -26.36 -4.43 -18.06
N VAL A 29 -26.27 -5.76 -18.11
CA VAL A 29 -26.71 -6.58 -17.00
C VAL A 29 -25.93 -6.25 -15.75
N ILE A 30 -24.61 -6.13 -15.89
CA ILE A 30 -23.75 -5.83 -14.76
C ILE A 30 -24.03 -4.43 -14.22
N ASN A 31 -24.34 -3.48 -15.10
CA ASN A 31 -24.69 -2.14 -14.65
C ASN A 31 -26.01 -2.13 -13.89
N GLU A 32 -26.99 -2.92 -14.34
CA GLU A 32 -28.25 -3.02 -13.61
C GLU A 32 -28.02 -3.64 -12.23
N TYR A 33 -27.20 -4.69 -12.17
CA TYR A 33 -26.81 -5.27 -10.89
C TYR A 33 -26.19 -4.22 -9.98
N LYS A 34 -25.31 -3.40 -10.52
CA LYS A 34 -24.62 -2.38 -9.74
C LYS A 34 -25.59 -1.30 -9.25
N GLU A 35 -26.54 -0.90 -10.09
CA GLU A 35 -27.55 0.07 -9.67
C GLU A 35 -28.43 -0.48 -8.56
N TYR A 36 -28.77 -1.77 -8.63
CA TYR A 36 -29.52 -2.38 -7.53
C TYR A 36 -28.71 -2.39 -6.24
N TYR A 37 -27.41 -2.70 -6.34
CA TYR A 37 -26.53 -2.56 -5.18
C TYR A 37 -26.62 -1.15 -4.61
N ASN A 38 -26.55 -0.14 -5.49
CA ASN A 38 -26.52 1.24 -5.02
C ASN A 38 -27.81 1.63 -4.33
N LYS A 39 -28.96 1.23 -4.89
CA LYS A 39 -30.24 1.57 -4.27
C LYS A 39 -30.40 0.87 -2.91
N CYS A 40 -30.03 -0.40 -2.83
CA CYS A 40 -30.14 -1.10 -1.56
C CYS A 40 -29.24 -0.47 -0.50
N SER A 41 -28.00 -0.16 -0.87
CA SER A 41 -27.09 0.46 0.09
C SER A 41 -27.54 1.87 0.46
N ASP A 42 -28.19 2.58 -0.46
CA ASP A 42 -28.73 3.89 -0.15
C ASP A 42 -29.82 3.79 0.93
N TRP A 43 -30.74 2.84 0.78
CA TRP A 43 -31.75 2.66 1.81
C TRP A 43 -31.10 2.27 3.14
N ILE A 44 -30.15 1.34 3.10
CA ILE A 44 -29.52 0.88 4.33
C ILE A 44 -28.83 2.04 5.04
N LYS A 45 -28.12 2.89 4.30
CA LYS A 45 -27.44 4.03 4.92
C LYS A 45 -28.43 5.06 5.41
N ASN A 46 -29.60 5.19 4.77
CA ASN A 46 -30.58 6.14 5.26
C ASN A 46 -31.34 5.64 6.48
N ASN A 47 -31.24 4.35 6.79
CA ASN A 47 -31.95 3.82 7.97
C ASN A 47 -31.02 3.06 8.90
N LEU A 48 -29.72 3.38 8.89
CA LEU A 48 -28.76 2.64 9.71
C LEU A 48 -28.98 2.84 11.20
N THR A 49 -29.61 3.94 11.59
CA THR A 49 -29.92 4.18 13.00
C THR A 49 -31.38 4.56 13.25
N SER A 50 -32.13 4.96 12.22
CA SER A 50 -33.50 5.41 12.44
C SER A 50 -34.42 4.26 12.87
N ILE A 51 -34.31 3.12 12.20
CA ILE A 51 -35.21 2.00 12.43
C ILE A 51 -34.56 1.05 13.42
N THR A 52 -35.39 0.34 14.17
CA THR A 52 -34.93 -0.68 15.11
C THR A 52 -35.10 -2.06 14.52
N ILE A 53 -34.42 -3.04 15.12
CA ILE A 53 -34.59 -4.43 14.70
C ILE A 53 -35.98 -4.92 15.08
N GLY A 54 -36.44 -4.56 16.27
CA GLY A 54 -37.73 -5.01 16.74
C GLY A 54 -38.87 -4.54 15.86
N GLU A 55 -38.77 -3.32 15.33
CA GLU A 55 -39.81 -2.81 14.45
C GLU A 55 -39.93 -3.62 13.17
N MET A 56 -38.79 -3.94 12.54
CA MET A 56 -38.80 -4.77 11.34
C MET A 56 -39.35 -6.15 11.63
N ALA A 57 -38.90 -6.76 12.74
CA ALA A 57 -39.38 -8.09 13.10
C ALA A 57 -40.88 -8.06 13.37
N LYS A 58 -41.36 -7.03 14.05
CA LYS A 58 -42.79 -6.90 14.31
C LYS A 58 -43.58 -6.76 13.02
N PHE A 59 -43.08 -5.95 12.08
CA PHE A 59 -43.77 -5.79 10.81
C PHE A 59 -43.90 -7.13 10.10
N LEU A 60 -42.81 -7.89 10.05
CA LEU A 60 -42.85 -9.19 9.38
C LEU A 60 -43.80 -10.15 10.09
N GLN A 61 -43.78 -10.18 11.42
CA GLN A 61 -44.67 -11.09 12.15
C GLN A 61 -46.13 -10.71 11.94
N GLU A 62 -46.43 -9.42 11.90
CA GLU A 62 -47.82 -9.00 11.80
C GLU A 62 -48.37 -9.20 10.39
N THR A 63 -47.55 -8.97 9.37
CA THR A 63 -48.06 -9.09 8.01
C THR A 63 -47.97 -10.53 7.49
N LEU A 64 -46.76 -11.09 7.40
CA LEU A 64 -46.61 -12.42 6.85
C LEU A 64 -47.01 -13.50 7.85
N GLY A 65 -46.68 -13.31 9.12
CA GLY A 65 -47.07 -14.26 10.16
C GLY A 65 -46.37 -15.59 10.10
N LYS A 66 -45.06 -15.59 10.36
CA LYS A 66 -44.27 -16.81 10.38
C LYS A 66 -43.64 -17.00 11.75
N ASP A 67 -43.63 -18.24 12.23
CA ASP A 67 -42.93 -18.59 13.46
C ASP A 67 -41.55 -19.15 13.11
N VAL A 68 -40.71 -18.26 12.59
CA VAL A 68 -39.37 -18.61 12.13
C VAL A 68 -38.36 -17.99 13.08
N ALA A 69 -37.15 -18.55 13.05
CA ALA A 69 -36.11 -18.10 13.99
C ALA A 69 -35.68 -16.68 13.72
N TYR A 70 -35.63 -16.25 12.45
CA TYR A 70 -35.16 -14.90 12.18
C TYR A 70 -36.17 -13.84 12.58
N ILE A 71 -37.41 -14.23 12.88
CA ILE A 71 -38.36 -13.30 13.47
C ILE A 71 -38.35 -13.38 14.99
N SER A 72 -38.11 -14.57 15.54
CA SER A 72 -38.02 -14.70 16.99
C SER A 72 -36.81 -13.96 17.54
N MET A 73 -35.66 -14.06 16.86
CA MET A 73 -34.47 -13.37 17.35
C MET A 73 -34.56 -11.86 17.17
N GLY A 74 -35.37 -11.38 16.23
CA GLY A 74 -35.52 -9.94 16.06
C GLY A 74 -36.47 -9.31 17.06
N LEU A 75 -37.42 -10.08 17.57
CA LEU A 75 -38.32 -9.60 18.62
C LEU A 75 -37.87 -10.06 20.01
N SER A 76 -36.71 -10.69 20.10
CA SER A 76 -36.14 -11.00 21.41
C SER A 76 -35.71 -9.72 22.11
N ASP A 77 -35.49 -9.84 23.43
CA ASP A 77 -35.15 -8.65 24.20
C ASP A 77 -33.73 -8.15 23.94
N GLU A 78 -32.87 -8.99 23.36
CA GLU A 78 -31.51 -8.57 23.08
C GLU A 78 -31.45 -7.52 21.98
N TRP A 79 -32.39 -7.55 21.03
CA TRP A 79 -32.32 -6.68 19.86
C TRP A 79 -33.62 -5.94 19.58
N LYS A 80 -34.60 -6.01 20.48
CA LYS A 80 -35.89 -5.40 20.19
C LYS A 80 -35.80 -3.89 20.02
N ASP A 81 -34.91 -3.24 20.76
CA ASP A 81 -34.81 -1.78 20.73
C ASP A 81 -33.60 -1.26 19.97
N LYS A 82 -32.75 -2.14 19.46
CA LYS A 82 -31.48 -1.65 18.95
C LYS A 82 -31.60 -1.21 17.50
N PRO A 83 -30.73 -0.31 17.06
CA PRO A 83 -30.80 0.18 15.68
C PRO A 83 -30.34 -0.86 14.67
N LEU A 84 -30.65 -0.56 13.40
CA LEU A 84 -30.49 -1.53 12.31
C LEU A 84 -29.04 -2.01 12.16
N TYR A 85 -28.06 -1.15 12.47
CA TYR A 85 -26.67 -1.53 12.23
C TYR A 85 -26.18 -2.63 13.17
N HIS A 86 -26.94 -2.98 14.20
CA HIS A 86 -26.52 -4.05 15.09
C HIS A 86 -26.62 -5.42 14.43
N LEU A 87 -27.37 -5.54 13.33
CA LEU A 87 -27.38 -6.78 12.57
C LEU A 87 -26.02 -7.08 11.95
N PHE A 88 -25.21 -6.05 11.74
CA PHE A 88 -23.91 -6.21 11.10
C PHE A 88 -22.78 -6.42 12.09
N THR A 89 -23.08 -6.53 13.37
CA THR A 89 -22.08 -6.83 14.37
C THR A 89 -21.84 -8.33 14.45
N LYS A 90 -20.72 -8.70 15.06
CA LYS A 90 -20.31 -10.10 15.03
C LYS A 90 -20.99 -10.94 16.10
N LYS A 91 -21.83 -10.35 16.95
CA LYS A 91 -22.59 -11.12 17.93
C LYS A 91 -23.90 -11.64 17.37
N TYR A 92 -24.55 -10.87 16.51
CA TYR A 92 -25.80 -11.30 15.90
C TYR A 92 -25.58 -12.49 14.98
N HIS A 93 -26.55 -13.39 14.94
CA HIS A 93 -26.48 -14.55 14.05
C HIS A 93 -26.51 -14.09 12.60
N THR A 94 -25.62 -14.67 11.78
CA THR A 94 -25.39 -14.15 10.44
C THR A 94 -26.60 -14.40 9.54
N ASN A 95 -27.00 -15.65 9.40
CA ASN A 95 -28.11 -15.99 8.52
C ASN A 95 -29.42 -15.36 9.01
N ASN A 96 -29.63 -15.33 10.33
CA ASN A 96 -30.85 -14.74 10.87
C ASN A 96 -30.94 -13.26 10.53
N ALA A 97 -29.83 -12.53 10.65
CA ALA A 97 -29.83 -11.12 10.30
C ALA A 97 -30.03 -10.91 8.80
N ASP A 98 -29.37 -11.73 7.98
CA ASP A 98 -29.58 -11.67 6.53
C ASP A 98 -31.05 -11.83 6.20
N ASN A 99 -31.70 -12.85 6.80
CA ASN A 99 -33.08 -13.13 6.48
C ASN A 99 -34.01 -12.02 6.96
N LEU A 100 -33.82 -11.54 8.18
CA LEU A 100 -34.67 -10.46 8.67
C LEU A 100 -34.58 -9.23 7.76
N LEU A 101 -33.36 -8.79 7.47
CA LEU A 101 -33.18 -7.61 6.63
C LEU A 101 -33.75 -7.83 5.24
N TYR A 102 -33.45 -8.98 4.63
CA TYR A 102 -33.87 -9.23 3.26
C TYR A 102 -35.38 -9.26 3.13
N TYR A 103 -36.05 -9.99 4.03
CA TYR A 103 -37.50 -10.11 3.87
C TYR A 103 -38.21 -8.83 4.28
N TYR A 104 -37.63 -8.02 5.19
CA TYR A 104 -38.21 -6.72 5.44
C TYR A 104 -38.12 -5.83 4.21
N ILE A 105 -36.94 -5.80 3.56
CA ILE A 105 -36.79 -4.97 2.38
C ILE A 105 -37.68 -5.47 1.24
N LYS A 106 -37.83 -6.79 1.13
CA LYS A 106 -38.62 -7.37 0.05
C LYS A 106 -40.11 -7.09 0.22
N GLU A 107 -40.63 -7.25 1.42
CA GLU A 107 -42.05 -6.95 1.66
C GLU A 107 -42.36 -5.50 1.33
N LYS A 108 -41.40 -4.61 1.52
CA LYS A 108 -41.59 -3.19 1.32
C LYS A 108 -41.18 -2.72 -0.06
N ASN A 109 -40.43 -3.54 -0.81
CA ASN A 109 -39.88 -3.15 -2.11
C ASN A 109 -39.03 -1.89 -1.96
N LEU A 110 -38.04 -1.97 -1.07
CA LEU A 110 -37.22 -0.81 -0.73
C LEU A 110 -36.08 -0.57 -1.71
N ASP A 111 -35.75 -1.53 -2.56
CA ASP A 111 -34.68 -1.38 -3.54
C ASP A 111 -35.22 -1.15 -4.95
N GLY A 112 -36.53 -0.98 -5.11
CA GLY A 112 -37.11 -0.75 -6.41
C GLY A 112 -36.82 -1.84 -7.42
N TYR A 113 -36.96 -3.10 -7.01
CA TYR A 113 -36.59 -4.25 -7.83
C TYR A 113 -37.75 -4.63 -8.74
N LYS A 114 -37.51 -4.62 -10.05
CA LYS A 114 -38.50 -4.98 -11.06
C LYS A 114 -37.99 -6.12 -11.93
N GLY A 115 -37.15 -6.99 -11.39
CA GLY A 115 -36.55 -8.04 -12.17
C GLY A 115 -35.23 -7.62 -12.75
N ASN A 116 -34.71 -8.49 -13.61
CA ASN A 116 -33.45 -8.22 -14.31
C ASN A 116 -33.59 -8.67 -15.76
N THR A 117 -32.67 -8.19 -16.59
CA THR A 117 -32.80 -8.37 -18.04
C THR A 117 -32.76 -9.84 -18.42
N LEU A 118 -31.82 -10.60 -17.86
CA LEU A 118 -31.65 -11.98 -18.25
C LEU A 118 -32.59 -12.94 -17.54
N ASN A 119 -33.46 -12.42 -16.66
CA ASN A 119 -34.41 -13.24 -15.91
C ASN A 119 -33.70 -14.27 -15.05
N ILE A 120 -32.48 -13.97 -14.62
CA ILE A 120 -31.75 -14.86 -13.73
C ILE A 120 -32.56 -15.09 -12.46
N GLY A 121 -32.54 -16.32 -11.97
CA GLY A 121 -33.30 -16.70 -10.79
C GLY A 121 -33.14 -15.73 -9.64
N ASN A 122 -34.24 -15.12 -9.21
CA ASN A 122 -34.16 -14.01 -8.25
C ASN A 122 -33.42 -14.41 -6.99
N THR A 123 -33.46 -15.69 -6.62
CA THR A 123 -32.68 -16.16 -5.48
C THR A 123 -31.19 -16.01 -5.73
N PHE A 124 -30.73 -16.42 -6.91
CA PHE A 124 -29.31 -16.40 -7.23
C PHE A 124 -28.80 -15.04 -7.66
N PHE A 125 -29.69 -14.08 -7.87
CA PHE A 125 -29.34 -12.76 -8.37
C PHE A 125 -29.51 -11.67 -7.33
N ARG A 126 -30.62 -11.69 -6.59
CA ARG A 126 -31.00 -10.61 -5.70
C ARG A 126 -30.64 -10.91 -4.24
N GLN A 127 -31.18 -11.99 -3.69
CA GLN A 127 -31.00 -12.27 -2.26
C GLN A 127 -29.57 -12.73 -1.97
N PHE A 128 -29.05 -13.64 -2.78
CA PHE A 128 -27.71 -14.17 -2.61
C PHE A 128 -26.71 -13.53 -3.57
N GLY A 129 -27.10 -12.44 -4.23
CA GLY A 129 -26.19 -11.72 -5.08
C GLY A 129 -25.87 -10.34 -4.54
N TYR A 130 -26.52 -9.32 -5.10
CA TYR A 130 -26.15 -7.96 -4.74
C TYR A 130 -26.51 -7.64 -3.30
N PHE A 131 -27.65 -8.14 -2.82
CA PHE A 131 -28.01 -7.90 -1.42
C PHE A 131 -27.04 -8.57 -0.47
N LYS A 132 -26.62 -9.79 -0.80
CA LYS A 132 -25.65 -10.48 0.05
C LYS A 132 -24.32 -9.73 0.08
N LEU A 133 -23.86 -9.23 -1.07
CA LEU A 133 -22.63 -8.44 -1.07
C LEU A 133 -22.81 -7.14 -0.29
N VAL A 134 -23.97 -6.50 -0.41
CA VAL A 134 -24.23 -5.27 0.35
C VAL A 134 -24.14 -5.54 1.85
N VAL A 135 -24.76 -6.61 2.31
CA VAL A 135 -24.74 -6.93 3.74
C VAL A 135 -23.32 -7.26 4.20
N SER A 136 -22.59 -8.04 3.40
CA SER A 136 -21.22 -8.38 3.75
C SER A 136 -20.31 -7.15 3.77
N ASN A 137 -20.60 -6.17 2.93
CA ASN A 137 -19.82 -4.93 2.94
C ASN A 137 -20.16 -4.10 4.18
N TYR A 138 -21.44 -3.97 4.49
CA TYR A 138 -21.82 -3.23 5.70
C TYR A 138 -21.36 -3.93 6.97
N ARG A 139 -21.09 -5.23 6.92
CA ARG A 139 -20.45 -5.90 8.05
C ARG A 139 -19.03 -5.39 8.25
N THR A 140 -18.27 -5.28 7.16
CA THR A 140 -16.88 -4.83 7.26
C THR A 140 -16.81 -3.40 7.78
N LYS A 141 -17.72 -2.54 7.33
CA LYS A 141 -17.77 -1.17 7.85
C LYS A 141 -18.00 -1.16 9.36
N ILE A 142 -19.03 -1.87 9.82
CA ILE A 142 -19.41 -1.81 11.22
C ILE A 142 -18.38 -2.51 12.11
N ARG A 143 -17.86 -3.64 11.66
CA ARG A 143 -16.99 -4.44 12.51
C ARG A 143 -15.60 -3.84 12.67
N THR A 144 -15.21 -2.91 11.81
CA THR A 144 -13.94 -2.22 11.91
C THR A 144 -14.17 -0.71 12.02
N LEU A 145 -15.18 -0.33 12.77
CA LEU A 145 -15.56 1.07 12.88
C LEU A 145 -14.45 1.90 13.51
N ASN A 146 -14.15 3.04 12.90
CA ASN A 146 -13.10 3.93 13.33
C ASN A 146 -13.68 5.31 13.62
N CYS A 147 -12.81 6.28 13.91
CA CYS A 147 -13.23 7.62 14.25
C CYS A 147 -12.41 8.64 13.46
N GLU A 148 -13.03 9.77 13.16
CA GLU A 148 -12.41 10.84 12.37
C GLU A 148 -12.29 12.08 13.24
N ILE A 149 -11.07 12.42 13.64
CA ILE A 149 -10.80 13.59 14.47
C ILE A 149 -9.73 14.44 13.79
N LYS A 150 -9.99 15.74 13.69
CA LYS A 150 -9.04 16.67 13.10
C LYS A 150 -8.13 17.25 14.16
N ARG A 151 -6.83 17.22 13.91
CA ARG A 151 -5.84 17.69 14.87
C ARG A 151 -5.97 19.20 15.08
N LYS A 152 -5.45 19.66 16.22
CA LYS A 152 -5.48 21.07 16.57
C LYS A 152 -4.45 21.31 17.66
N LYS A 153 -3.79 22.46 17.61
CA LYS A 153 -2.86 22.82 18.67
C LYS A 153 -3.61 23.26 19.93
N ILE A 154 -3.21 22.73 21.07
CA ILE A 154 -3.82 23.07 22.35
C ILE A 154 -2.91 24.06 23.08
N ASP A 155 -3.45 25.21 23.46
CA ASP A 155 -2.70 26.20 24.20
C ASP A 155 -2.63 25.81 25.67
N ALA A 156 -1.90 26.62 26.45
CA ALA A 156 -1.83 26.38 27.88
C ALA A 156 -3.20 26.52 28.54
N ASP A 157 -3.97 27.53 28.12
CA ASP A 157 -5.31 27.78 28.64
C ASP A 157 -6.31 27.40 27.56
N SER A 158 -6.79 26.17 27.59
CA SER A 158 -7.68 25.64 26.57
C SER A 158 -8.83 24.89 27.25
N THR A 159 -9.93 24.78 26.52
CA THR A 159 -11.13 24.15 27.05
C THR A 159 -10.91 22.66 27.28
N SER A 160 -11.71 22.09 28.19
CA SER A 160 -11.62 20.66 28.45
C SER A 160 -12.01 19.85 27.22
N GLU A 161 -13.00 20.33 26.45
CA GLU A 161 -13.44 19.60 25.27
C GLU A 161 -12.32 19.48 24.25
N ASP A 162 -11.54 20.54 24.06
CA ASP A 162 -10.45 20.51 23.08
C ASP A 162 -9.38 19.51 23.51
N ILE A 163 -8.98 19.55 24.77
CA ILE A 163 -7.94 18.63 25.25
C ILE A 163 -8.44 17.20 25.24
N GLU A 164 -9.70 16.98 25.61
CA GLU A 164 -10.26 15.64 25.61
C GLU A 164 -10.25 15.03 24.22
N MET A 165 -10.62 15.83 23.21
CA MET A 165 -10.62 15.33 21.84
C MET A 165 -9.20 14.97 21.39
N GLN A 166 -8.21 15.78 21.77
CA GLN A 166 -6.86 15.55 21.27
C GLN A 166 -6.24 14.29 21.85
N THR A 167 -6.57 13.95 23.10
CA THR A 167 -6.10 12.68 23.65
C THR A 167 -6.66 11.50 22.87
N MET A 168 -7.94 11.57 22.51
CA MET A 168 -8.54 10.55 21.64
C MET A 168 -7.87 10.56 20.28
N TYR A 169 -7.47 11.73 19.79
CA TYR A 169 -6.75 11.82 18.53
C TYR A 169 -5.42 11.07 18.61
N GLU A 170 -4.67 11.26 19.69
CA GLU A 170 -3.35 10.69 19.79
C GLU A 170 -3.40 9.17 19.92
N ILE A 171 -4.45 8.65 20.55
CA ILE A 171 -4.62 7.20 20.62
C ILE A 171 -4.91 6.64 19.24
N ILE A 172 -5.68 7.37 18.43
CA ILE A 172 -6.01 6.90 17.08
C ILE A 172 -4.76 6.80 16.21
N LYS A 173 -3.98 7.88 16.15
CA LYS A 173 -2.89 7.93 15.17
C LYS A 173 -1.64 7.22 15.67
N HIS A 174 -1.21 7.52 16.89
CA HIS A 174 0.03 6.98 17.40
C HIS A 174 -0.15 5.71 18.21
N ASN A 175 -1.38 5.20 18.32
CA ASN A 175 -1.66 3.90 18.93
C ASN A 175 -1.16 3.85 20.37
N LEU A 176 -1.77 4.69 21.20
CA LEU A 176 -1.44 4.80 22.62
C LEU A 176 -2.57 4.19 23.42
N ASN A 177 -2.48 2.87 23.67
CA ASN A 177 -3.49 2.13 24.40
C ASN A 177 -3.17 2.01 25.88
N LYS A 178 -2.05 1.38 26.20
CA LYS A 178 -1.62 1.22 27.58
C LYS A 178 -0.94 2.50 28.06
N LYS A 179 -0.67 2.56 29.36
CA LYS A 179 0.08 3.69 29.88
C LYS A 179 1.55 3.59 29.50
N THR A 180 2.06 2.37 29.33
CA THR A 180 3.43 2.20 28.86
C THR A 180 3.61 2.77 27.46
N ASP A 181 2.54 2.79 26.66
CA ASP A 181 2.62 3.41 25.34
C ASP A 181 2.99 4.88 25.44
N TRP A 182 2.36 5.61 26.37
CA TRP A 182 2.72 7.01 26.59
C TRP A 182 4.12 7.15 27.13
N ASP A 183 4.51 6.29 28.08
CA ASP A 183 5.82 6.42 28.71
C ASP A 183 6.95 6.23 27.72
N GLU A 184 6.83 5.23 26.84
CA GLU A 184 7.83 5.05 25.80
C GLU A 184 7.84 6.23 24.83
N PHE A 185 6.66 6.69 24.42
CA PHE A 185 6.58 7.74 23.42
C PHE A 185 7.22 9.03 23.92
N ILE A 186 6.96 9.41 25.17
CA ILE A 186 7.59 10.60 25.71
C ILE A 186 9.10 10.42 25.81
N SER A 187 9.55 9.23 26.27
CA SER A 187 10.98 8.97 26.37
C SER A 187 11.65 8.91 25.01
N TYR A 188 10.90 8.57 23.96
CA TYR A 188 11.44 8.64 22.61
C TYR A 188 11.56 10.09 22.15
N ILE A 189 10.53 10.90 22.39
CA ILE A 189 10.56 12.29 21.97
C ILE A 189 11.53 13.10 22.82
N GLU A 190 11.53 12.88 24.14
CA GLU A 190 12.36 13.67 25.03
C GLU A 190 13.85 13.38 24.82
N ASN A 191 14.25 12.14 25.06
CA ASN A 191 15.67 11.80 25.12
C ASN A 191 16.30 11.78 23.73
N VAL A 192 16.53 12.97 23.17
CA VAL A 192 17.21 13.11 21.89
C VAL A 192 17.84 14.50 21.86
N GLU A 193 18.96 14.62 21.17
CA GLU A 193 19.63 15.91 21.08
C GLU A 193 18.75 16.93 20.38
N ASN A 194 18.66 18.12 20.97
CA ASN A 194 17.84 19.23 20.49
C ASN A 194 16.35 18.87 20.46
N PRO A 195 15.72 18.66 21.62
CA PRO A 195 14.29 18.36 21.63
C PRO A 195 13.46 19.60 21.32
N ASN A 196 12.24 19.34 20.85
CA ASN A 196 11.26 20.39 20.63
C ASN A 196 10.40 20.51 21.87
N ILE A 197 10.55 21.64 22.59
CA ILE A 197 9.84 21.81 23.85
C ILE A 197 8.34 21.92 23.62
N ASP A 198 7.93 22.57 22.53
CA ASP A 198 6.51 22.75 22.25
C ASP A 198 5.82 21.41 22.02
N ASN A 199 6.46 20.50 21.29
CA ASN A 199 5.87 19.20 21.03
C ASN A 199 5.72 18.38 22.31
N ILE A 200 6.72 18.47 23.20
CA ILE A 200 6.70 17.68 24.43
C ILE A 200 5.61 18.17 25.37
N ASN A 201 5.36 19.49 25.41
CA ASN A 201 4.36 20.02 26.32
C ASN A 201 2.97 19.48 25.99
N ARG A 202 2.62 19.47 24.71
CA ARG A 202 1.30 18.98 24.30
C ARG A 202 1.15 17.50 24.66
N TYR A 203 2.17 16.70 24.37
CA TYR A 203 2.07 15.27 24.64
C TYR A 203 2.03 14.98 26.12
N LYS A 204 2.78 15.74 26.92
CA LYS A 204 2.71 15.55 28.37
C LYS A 204 1.34 15.93 28.92
N LEU A 205 0.76 17.02 28.42
CA LEU A 205 -0.59 17.38 28.84
C LEU A 205 -1.58 16.27 28.49
N LEU A 206 -1.50 15.75 27.27
CA LEU A 206 -2.43 14.72 26.84
C LEU A 206 -2.20 13.41 27.60
N ARG A 207 -0.96 13.10 27.96
CA ARG A 207 -0.71 11.91 28.77
C ARG A 207 -1.32 12.06 30.15
N LYS A 208 -1.18 13.24 30.75
CA LYS A 208 -1.81 13.46 32.06
C LYS A 208 -3.33 13.32 31.96
N CYS A 209 -3.92 13.91 30.91
CA CYS A 209 -5.36 13.80 30.74
C CYS A 209 -5.81 12.36 30.47
N PHE A 210 -4.97 11.58 29.78
CA PHE A 210 -5.34 10.21 29.44
C PHE A 210 -5.52 9.34 30.67
N CYS A 211 -4.68 9.55 31.70
CA CYS A 211 -4.75 8.71 32.88
C CYS A 211 -5.99 9.00 33.71
N GLU A 212 -6.39 10.27 33.78
CA GLU A 212 -7.50 10.66 34.64
C GLU A 212 -8.85 10.26 34.07
N ASN A 213 -8.95 10.01 32.76
CA ASN A 213 -10.22 9.68 32.12
C ASN A 213 -10.04 8.53 31.14
N GLU A 214 -9.26 7.52 31.51
CA GLU A 214 -8.84 6.51 30.54
C GLU A 214 -10.02 5.72 29.99
N ASN A 215 -10.92 5.27 30.87
CA ASN A 215 -12.07 4.49 30.40
C ASN A 215 -13.10 5.40 29.74
N MET A 216 -13.25 6.62 30.24
CA MET A 216 -14.14 7.58 29.59
C MET A 216 -13.68 7.88 28.17
N ILE A 217 -12.36 7.91 27.95
CA ILE A 217 -11.85 8.07 26.60
C ILE A 217 -12.28 6.91 25.71
N LYS A 218 -12.13 5.68 26.22
CA LYS A 218 -12.47 4.50 25.43
C LYS A 218 -13.98 4.36 25.21
N ASN A 219 -14.80 5.03 26.01
CA ASN A 219 -16.24 5.04 25.74
C ASN A 219 -16.65 6.17 24.80
N LYS A 220 -16.04 7.35 24.97
CA LYS A 220 -16.35 8.46 24.07
C LYS A 220 -15.85 8.19 22.66
N LEU A 221 -14.79 7.40 22.51
CA LEU A 221 -14.37 6.99 21.18
C LEU A 221 -15.47 6.20 20.48
N GLU A 222 -16.07 5.24 21.18
CA GLU A 222 -17.15 4.44 20.61
C GLU A 222 -18.38 5.32 20.33
N LEU A 223 -18.71 6.22 21.26
CA LEU A 223 -19.85 7.09 21.05
C LEU A 223 -19.65 7.99 19.85
N LEU A 224 -18.44 8.55 19.69
CA LEU A 224 -18.16 9.40 18.53
C LEU A 224 -18.19 8.61 17.24
N SER A 225 -17.67 7.38 17.26
CA SER A 225 -17.73 6.53 16.07
C SER A 225 -19.17 6.26 15.66
N ILE A 226 -20.05 5.98 16.62
CA ILE A 226 -21.46 5.74 16.30
C ILE A 226 -22.12 7.04 15.81
N GLU A 227 -21.75 8.17 16.42
CA GLU A 227 -22.35 9.44 16.02
C GLU A 227 -21.95 9.83 14.60
N GLN A 228 -20.72 9.51 14.20
CA GLN A 228 -20.28 9.83 12.84
C GLN A 228 -20.92 8.93 11.80
N LEU A 229 -21.47 7.77 12.21
CA LEU A 229 -22.10 6.88 11.24
C LEU A 229 -23.31 7.51 10.58
N LYS A 230 -23.87 8.57 11.18
CA LYS A 230 -24.97 9.28 10.55
C LYS A 230 -24.53 9.99 9.27
N ASN A 231 -23.30 10.53 9.27
CA ASN A 231 -22.78 11.21 8.10
C ASN A 231 -22.18 10.27 7.07
N PHE A 232 -22.14 8.96 7.35
CA PHE A 232 -21.58 8.01 6.41
C PHE A 232 -22.32 8.07 5.09
N GLY A 233 -21.57 8.06 3.99
CA GLY A 233 -22.16 8.12 2.68
C GLY A 233 -22.68 6.81 2.14
N GLY A 234 -22.51 5.74 2.88
CA GLY A 234 -22.93 4.43 2.43
C GLY A 234 -21.86 3.73 1.61
N CYS A 235 -21.99 2.42 1.50
CA CYS A 235 -21.14 1.65 0.61
C CYS A 235 -21.59 1.88 -0.82
N ILE A 236 -20.66 2.23 -1.69
CA ILE A 236 -20.97 2.60 -3.07
C ILE A 236 -20.15 1.74 -4.00
N MET A 237 -20.81 1.11 -4.96
CA MET A 237 -20.14 0.31 -5.97
C MET A 237 -19.65 1.21 -7.08
N LYS A 238 -18.34 1.19 -7.34
CA LYS A 238 -17.71 2.21 -8.17
C LYS A 238 -18.15 2.08 -9.63
N GLN A 239 -18.00 3.18 -10.36
CA GLN A 239 -18.37 3.22 -11.77
C GLN A 239 -17.43 2.41 -12.67
N HIS A 240 -16.29 1.97 -12.15
CA HIS A 240 -15.31 1.23 -12.94
C HIS A 240 -15.29 -0.25 -12.59
N ILE A 241 -16.37 -0.77 -12.00
CA ILE A 241 -16.32 -2.10 -11.40
C ILE A 241 -16.45 -3.19 -12.46
N ASN A 242 -17.56 -3.20 -13.20
CA ASN A 242 -17.80 -4.17 -14.27
C ASN A 242 -17.68 -5.61 -13.75
N SER A 243 -18.32 -5.86 -12.61
CA SER A 243 -18.28 -7.18 -11.98
C SER A 243 -19.65 -7.51 -11.42
N MET A 244 -19.89 -8.81 -11.24
CA MET A 244 -21.17 -9.30 -10.75
C MET A 244 -20.93 -10.67 -10.11
N THR A 245 -21.47 -10.87 -8.91
CA THR A 245 -21.27 -12.11 -8.16
C THR A 245 -22.62 -12.74 -7.88
N LEU A 246 -22.78 -13.99 -8.32
CA LEU A 246 -23.98 -14.78 -8.04
C LEU A 246 -23.57 -16.06 -7.34
N ILE A 247 -24.35 -16.48 -6.36
CA ILE A 247 -24.12 -17.72 -5.63
C ILE A 247 -25.27 -18.66 -5.93
N ILE A 248 -24.96 -19.79 -6.57
CA ILE A 248 -25.97 -20.75 -7.03
C ILE A 248 -25.60 -22.11 -6.45
N GLN A 249 -26.56 -22.72 -5.74
CA GLN A 249 -26.29 -23.99 -5.07
C GLN A 249 -26.11 -25.13 -6.07
N HIS A 250 -26.91 -25.14 -7.14
CA HIS A 250 -26.90 -26.25 -8.09
C HIS A 250 -26.51 -25.73 -9.46
N PHE A 251 -25.21 -25.84 -9.77
CA PHE A 251 -24.69 -25.64 -11.11
C PHE A 251 -23.67 -26.74 -11.35
N LYS A 252 -23.17 -26.83 -12.58
CA LYS A 252 -22.28 -27.92 -12.95
C LYS A 252 -21.08 -27.41 -13.73
N ILE A 253 -19.94 -28.03 -13.50
CA ILE A 253 -18.71 -27.81 -14.26
C ILE A 253 -18.25 -29.16 -14.77
N GLU A 254 -18.18 -29.31 -16.09
CA GLU A 254 -17.84 -30.58 -16.71
C GLU A 254 -16.67 -30.38 -17.68
N GLU A 255 -15.78 -31.36 -17.72
CA GLU A 255 -14.75 -31.39 -18.75
C GLU A 255 -15.39 -31.49 -20.12
N LYS A 256 -14.95 -30.62 -21.03
CA LYS A 256 -15.41 -30.72 -22.40
C LYS A 256 -14.70 -31.88 -23.09
N GLU A 257 -15.49 -32.78 -23.68
CA GLU A 257 -14.91 -33.97 -24.30
C GLU A 257 -14.11 -33.59 -25.54
N ASN A 258 -12.98 -34.26 -25.73
CA ASN A 258 -12.07 -33.99 -26.84
C ASN A 258 -11.63 -32.53 -26.85
N SER A 259 -11.20 -32.06 -25.68
CA SER A 259 -10.75 -30.68 -25.54
C SER A 259 -10.07 -30.53 -24.18
N LEU A 260 -9.32 -29.45 -24.03
CA LEU A 260 -8.73 -29.08 -22.76
C LEU A 260 -9.55 -28.05 -22.01
N GLY A 261 -10.75 -27.75 -22.50
CA GLY A 261 -11.60 -26.75 -21.90
C GLY A 261 -12.57 -27.33 -20.89
N PHE A 262 -13.51 -26.49 -20.47
CA PHE A 262 -14.55 -26.86 -19.53
C PHE A 262 -15.87 -26.28 -20.02
N ILE A 263 -16.97 -26.76 -19.44
CA ILE A 263 -18.31 -26.27 -19.74
C ILE A 263 -19.01 -25.91 -18.44
N LEU A 264 -19.71 -24.78 -18.44
CA LEU A 264 -20.48 -24.31 -17.29
C LEU A 264 -21.96 -24.39 -17.64
N ASN A 265 -22.69 -25.25 -16.94
CA ASN A 265 -24.13 -25.37 -17.11
C ASN A 265 -24.81 -24.50 -16.06
N LEU A 266 -25.56 -23.50 -16.51
CA LEU A 266 -26.04 -22.45 -15.63
C LEU A 266 -27.54 -22.24 -15.79
N PRO A 267 -28.30 -22.19 -14.69
CA PRO A 267 -29.74 -21.91 -14.81
C PRO A 267 -30.04 -20.47 -15.23
N LEU A 268 -30.60 -20.31 -16.43
CA LEU A 268 -30.87 -19.00 -17.00
C LEU A 268 -32.33 -18.97 -17.46
N ASN A 269 -33.17 -18.27 -16.72
CA ASN A 269 -34.59 -18.14 -17.03
C ASN A 269 -35.27 -19.52 -17.10
N LYS A 270 -35.22 -20.23 -15.97
CA LYS A 270 -35.87 -21.50 -15.73
C LYS A 270 -35.35 -22.62 -16.61
N LYS A 271 -34.37 -22.36 -17.47
CA LYS A 271 -33.75 -23.35 -18.33
C LYS A 271 -32.25 -23.38 -18.03
N GLN A 272 -31.54 -24.27 -18.71
CA GLN A 272 -30.11 -24.40 -18.55
C GLN A 272 -29.40 -23.73 -19.73
N TYR A 273 -28.51 -22.79 -19.42
CA TYR A 273 -27.62 -22.21 -20.41
C TYR A 273 -26.24 -22.82 -20.27
N GLN A 274 -25.51 -22.91 -21.38
CA GLN A 274 -24.17 -23.46 -21.39
C GLN A 274 -23.19 -22.37 -21.81
N ILE A 275 -22.19 -22.15 -20.97
CA ILE A 275 -21.10 -21.21 -21.25
C ILE A 275 -19.83 -22.03 -21.37
N GLU A 276 -19.15 -21.91 -22.50
CA GLU A 276 -17.93 -22.65 -22.75
C GLU A 276 -16.72 -21.82 -22.32
N LEU A 277 -15.73 -22.50 -21.73
CA LEU A 277 -14.58 -21.86 -21.11
C LEU A 277 -13.30 -22.38 -21.75
N TRP A 278 -12.35 -21.48 -21.97
CA TRP A 278 -11.03 -21.87 -22.43
C TRP A 278 -10.29 -22.65 -21.35
N GLY A 279 -9.42 -23.56 -21.78
CA GLY A 279 -8.64 -24.32 -20.84
C GLY A 279 -7.66 -23.45 -20.08
N ASN A 280 -7.22 -23.96 -18.93
CA ASN A 280 -6.32 -23.24 -18.05
C ASN A 280 -5.20 -24.17 -17.62
N ARG A 281 -3.96 -23.74 -17.82
CA ARG A 281 -2.81 -24.58 -17.51
C ARG A 281 -2.64 -24.81 -16.02
N GLN A 282 -3.30 -24.01 -15.18
CA GLN A 282 -3.30 -24.27 -13.75
C GLN A 282 -4.08 -25.53 -13.39
N VAL A 283 -4.97 -25.96 -14.26
CA VAL A 283 -5.76 -27.18 -14.07
C VAL A 283 -5.61 -28.01 -15.34
N ASN A 284 -4.62 -28.89 -15.35
CA ASN A 284 -4.30 -29.70 -16.52
C ASN A 284 -4.83 -31.12 -16.34
N LYS A 285 -4.90 -31.84 -17.46
CA LYS A 285 -5.60 -33.13 -17.49
C LYS A 285 -4.96 -34.14 -16.55
N GLY A 286 -3.64 -34.28 -16.61
CA GLY A 286 -2.96 -35.29 -15.82
C GLY A 286 -2.61 -34.89 -14.41
N THR A 287 -2.81 -33.62 -14.06
CA THR A 287 -2.40 -33.13 -12.75
C THR A 287 -3.43 -33.48 -11.69
N LYS A 288 -3.08 -33.20 -10.44
CA LYS A 288 -3.99 -33.35 -9.31
C LYS A 288 -4.84 -32.10 -9.08
N GLU A 289 -4.44 -30.97 -9.65
CA GLU A 289 -5.20 -29.74 -9.46
C GLU A 289 -6.53 -29.78 -10.20
N ARG A 290 -6.58 -30.43 -11.38
CA ARG A 290 -7.86 -30.61 -12.06
C ARG A 290 -8.79 -31.49 -11.24
N ASP A 291 -8.25 -32.54 -10.62
CA ASP A 291 -9.05 -33.40 -9.76
C ASP A 291 -9.56 -32.65 -8.53
N ALA A 292 -8.71 -31.84 -7.91
CA ALA A 292 -9.14 -31.06 -6.76
C ALA A 292 -10.19 -30.02 -7.15
N PHE A 293 -10.01 -29.37 -8.30
CA PHE A 293 -10.96 -28.38 -8.76
C PHE A 293 -12.30 -28.99 -9.08
N LEU A 294 -12.31 -30.14 -9.75
CA LEU A 294 -13.55 -30.74 -10.23
C LEU A 294 -14.35 -31.43 -9.14
N ASN A 295 -13.72 -31.74 -8.01
CA ASN A 295 -14.41 -32.42 -6.91
C ASN A 295 -14.80 -31.51 -5.77
N THR A 296 -14.30 -30.26 -5.73
CA THR A 296 -14.50 -29.44 -4.55
C THR A 296 -14.86 -27.99 -4.85
N TYR A 297 -15.42 -27.70 -6.02
CA TYR A 297 -15.70 -26.30 -6.30
C TYR A 297 -16.94 -25.84 -5.52
N GLY A 298 -17.03 -24.52 -5.32
CA GLY A 298 -18.04 -23.93 -4.47
C GLY A 298 -19.11 -23.15 -5.21
N GLU A 299 -20.05 -22.62 -4.42
CA GLU A 299 -21.22 -21.94 -4.96
C GLU A 299 -20.93 -20.51 -5.41
N ASN A 300 -19.73 -20.01 -5.14
CA ASN A 300 -19.31 -18.68 -5.59
C ASN A 300 -19.08 -18.68 -7.10
N ILE A 301 -19.72 -17.75 -7.81
CA ILE A 301 -19.50 -17.54 -9.23
C ILE A 301 -19.37 -16.05 -9.49
N VAL A 302 -18.31 -15.66 -10.19
CA VAL A 302 -18.01 -14.26 -10.46
C VAL A 302 -17.99 -14.04 -11.97
N PHE A 303 -18.65 -12.98 -12.43
CA PHE A 303 -18.55 -12.52 -13.80
C PHE A 303 -17.90 -11.14 -13.78
N ILE A 304 -16.75 -11.01 -14.44
CA ILE A 304 -16.00 -9.77 -14.49
C ILE A 304 -15.63 -9.47 -15.93
N ILE A 305 -15.77 -8.21 -16.32
CA ILE A 305 -15.42 -7.75 -17.67
C ILE A 305 -14.10 -7.01 -17.55
N ASN A 306 -13.01 -7.67 -17.94
CA ASN A 306 -11.69 -7.09 -17.97
C ASN A 306 -11.25 -6.96 -19.42
N ASN A 307 -10.93 -5.74 -19.84
CA ASN A 307 -10.50 -5.45 -21.21
C ASN A 307 -11.54 -5.92 -22.22
N ASP A 308 -12.80 -5.57 -21.97
CA ASP A 308 -13.91 -5.87 -22.89
C ASP A 308 -14.03 -7.37 -23.17
N GLU A 309 -13.59 -8.20 -22.22
CA GLU A 309 -13.72 -9.64 -22.31
C GLU A 309 -14.27 -10.18 -21.00
N LEU A 310 -15.10 -11.20 -21.10
CA LEU A 310 -15.75 -11.80 -19.96
C LEU A 310 -14.90 -12.93 -19.39
N TYR A 311 -14.77 -12.94 -18.06
CA TYR A 311 -14.08 -14.01 -17.36
C TYR A 311 -14.99 -14.57 -16.27
N VAL A 312 -14.85 -15.86 -15.99
CA VAL A 312 -15.61 -16.55 -14.96
C VAL A 312 -14.65 -17.04 -13.90
N VAL A 313 -14.99 -16.83 -12.64
CA VAL A 313 -14.13 -17.23 -11.54
C VAL A 313 -14.87 -18.24 -10.67
N PHE A 314 -14.12 -19.17 -10.10
CA PHE A 314 -14.65 -20.16 -9.17
C PHE A 314 -13.70 -20.27 -7.98
N SER A 315 -14.04 -21.18 -7.07
CA SER A 315 -13.22 -21.48 -5.91
C SER A 315 -13.26 -22.98 -5.67
N TYR A 316 -12.22 -23.50 -5.02
CA TYR A 316 -12.15 -24.92 -4.72
C TYR A 316 -11.20 -25.11 -3.54
N GLU A 317 -11.30 -26.28 -2.91
CA GLU A 317 -10.48 -26.60 -1.76
C GLU A 317 -9.14 -27.19 -2.20
N TYR A 318 -8.15 -27.08 -1.32
CA TYR A 318 -6.80 -27.52 -1.61
C TYR A 318 -6.07 -27.73 -0.28
N GLU A 319 -5.09 -28.63 -0.30
CA GLU A 319 -4.31 -28.94 0.89
C GLU A 319 -2.95 -28.27 0.81
N LEU A 320 -2.59 -27.52 1.84
CA LEU A 320 -1.36 -26.74 1.87
C LEU A 320 -0.30 -27.49 2.66
N GLU A 321 0.83 -27.76 2.01
CA GLU A 321 1.95 -28.46 2.63
C GLU A 321 3.13 -27.53 2.86
N LYS A 322 2.84 -26.29 3.23
CA LYS A 322 3.89 -25.29 3.45
C LYS A 322 4.79 -25.74 4.59
N GLU A 323 6.10 -25.56 4.41
CA GLU A 323 7.07 -26.10 5.34
C GLU A 323 7.28 -25.14 6.52
N GLU A 324 7.79 -25.70 7.61
CA GLU A 324 8.12 -24.97 8.81
C GLU A 324 9.53 -24.39 8.73
N ALA A 325 9.84 -23.50 9.67
CA ALA A 325 11.16 -22.89 9.73
C ALA A 325 12.22 -23.90 10.15
N ASN A 326 13.46 -23.60 9.82
CA ASN A 326 14.55 -24.56 10.05
C ASN A 326 15.73 -23.97 10.81
N PHE A 327 16.10 -22.72 10.55
CA PHE A 327 17.20 -22.03 11.25
C PHE A 327 18.53 -22.78 11.13
N VAL A 328 18.92 -23.09 9.91
CA VAL A 328 20.19 -23.77 9.67
C VAL A 328 21.09 -22.86 8.85
N LYS A 329 20.50 -22.02 8.02
CA LYS A 329 21.25 -21.05 7.23
C LYS A 329 20.32 -19.91 6.88
N THR A 330 20.58 -18.73 7.43
CA THR A 330 19.75 -17.56 7.23
C THR A 330 20.53 -16.50 6.47
N VAL A 331 19.82 -15.67 5.72
CA VAL A 331 20.41 -14.51 5.05
C VAL A 331 19.46 -13.33 5.19
N GLY A 332 20.02 -12.16 5.51
CA GLY A 332 19.25 -10.93 5.54
C GLY A 332 19.16 -10.27 4.18
N LEU A 333 18.38 -9.20 4.11
CA LEU A 333 18.20 -8.49 2.85
C LEU A 333 17.63 -7.10 3.11
N ASP A 334 18.37 -6.07 2.72
CA ASP A 334 17.90 -4.69 2.78
C ASP A 334 17.42 -4.25 1.39
N VAL A 335 16.52 -3.27 1.36
CA VAL A 335 15.99 -2.74 0.12
C VAL A 335 16.33 -1.25 0.05
N ASN A 336 16.98 -0.86 -1.04
CA ASN A 336 17.46 0.51 -1.21
C ASN A 336 17.12 0.96 -2.63
N PHE A 337 17.56 2.17 -2.97
CA PHE A 337 17.34 2.68 -4.31
C PHE A 337 18.54 3.38 -4.93
N LYS A 338 19.58 3.72 -4.16
CA LYS A 338 20.63 4.56 -4.72
C LYS A 338 21.63 3.76 -5.54
N HIS A 339 22.00 2.58 -5.09
CA HIS A 339 22.99 1.84 -5.85
C HIS A 339 22.57 0.43 -6.20
N ALA A 340 21.91 -0.27 -5.30
CA ALA A 340 21.42 -1.62 -5.56
C ALA A 340 20.00 -1.71 -5.04
N PHE A 341 19.18 -2.50 -5.75
CA PHE A 341 17.81 -2.71 -5.29
C PHE A 341 17.80 -3.63 -4.07
N PHE A 342 18.55 -4.71 -4.12
CA PHE A 342 18.59 -5.67 -3.04
C PHE A 342 20.03 -5.97 -2.69
N VAL A 343 20.36 -5.88 -1.41
CA VAL A 343 21.68 -6.21 -0.89
C VAL A 343 21.47 -7.23 0.22
N THR A 344 22.26 -8.30 0.18
CA THR A 344 22.14 -9.34 1.19
C THR A 344 23.16 -9.10 2.30
N SER A 345 23.26 -10.07 3.22
CA SER A 345 24.20 -10.02 4.33
C SER A 345 25.39 -10.95 4.10
N GLU A 346 25.73 -11.23 2.85
CA GLU A 346 26.69 -12.26 2.53
C GLU A 346 27.74 -11.73 1.56
N LYS A 347 29.01 -11.88 1.94
CA LYS A 347 30.10 -11.55 1.02
C LYS A 347 30.12 -12.54 -0.12
N ASP A 348 30.30 -12.04 -1.34
CA ASP A 348 30.38 -12.90 -2.50
C ASP A 348 31.74 -13.56 -2.55
N ASN A 349 31.76 -14.88 -2.61
CA ASN A 349 33.01 -15.64 -2.61
C ASN A 349 32.99 -16.74 -3.67
N CYS A 350 32.26 -16.50 -4.76
CA CYS A 350 32.17 -17.44 -5.88
C CYS A 350 31.72 -18.83 -5.40
N HIS A 351 30.72 -18.83 -4.53
CA HIS A 351 30.16 -20.06 -3.98
C HIS A 351 28.71 -20.31 -4.36
N LEU A 352 27.91 -19.26 -4.49
CA LEU A 352 26.54 -19.42 -4.96
C LEU A 352 26.52 -19.82 -6.43
N ASP A 353 25.58 -20.68 -6.79
CA ASP A 353 25.44 -21.17 -8.15
C ASP A 353 24.28 -20.47 -8.84
N GLY A 354 24.47 -20.16 -10.12
CA GLY A 354 23.48 -19.43 -10.88
C GLY A 354 23.46 -17.94 -10.63
N TYR A 355 24.34 -17.43 -9.77
CA TYR A 355 24.37 -16.03 -9.41
C TYR A 355 25.43 -15.30 -10.21
N ILE A 356 25.10 -14.09 -10.66
CA ILE A 356 26.02 -13.24 -11.41
C ILE A 356 26.05 -11.86 -10.75
N ASN A 357 27.25 -11.34 -10.53
CA ASN A 357 27.45 -10.03 -9.92
C ASN A 357 27.49 -8.97 -11.01
N LEU A 358 26.50 -8.08 -11.02
CA LEU A 358 26.50 -7.02 -12.03
C LEU A 358 27.38 -5.83 -11.62
N TYR A 359 27.57 -5.62 -10.31
CA TYR A 359 28.56 -4.63 -9.88
C TYR A 359 29.98 -5.14 -10.04
N LYS A 360 30.22 -6.44 -9.86
CA LYS A 360 31.52 -7.01 -10.19
C LYS A 360 31.71 -7.16 -11.70
N TYR A 361 30.64 -7.00 -12.47
CA TYR A 361 30.73 -6.91 -13.92
C TYR A 361 31.03 -5.49 -14.39
N LEU A 362 30.43 -4.49 -13.75
CA LEU A 362 30.66 -3.11 -14.16
C LEU A 362 32.12 -2.71 -13.98
N LEU A 363 32.75 -3.18 -12.91
CA LEU A 363 34.12 -2.77 -12.59
C LEU A 363 35.15 -3.44 -13.48
N GLU A 364 34.83 -4.57 -14.10
CA GLU A 364 35.76 -5.20 -15.03
C GLU A 364 35.98 -4.37 -16.29
N HIS A 365 35.17 -3.35 -16.52
CA HIS A 365 35.28 -2.51 -17.70
C HIS A 365 35.99 -1.21 -17.34
N ASP A 366 37.04 -0.90 -18.09
CA ASP A 366 37.80 0.32 -17.82
C ASP A 366 37.00 1.57 -18.17
N GLU A 367 36.09 1.47 -19.15
CA GLU A 367 35.33 2.64 -19.56
C GLU A 367 34.46 3.17 -18.43
N PHE A 368 33.92 2.27 -17.61
CA PHE A 368 33.06 2.73 -16.51
C PHE A 368 33.88 3.31 -15.37
N THR A 369 34.99 2.68 -15.00
CA THR A 369 35.75 3.14 -13.85
C THR A 369 36.42 4.50 -14.10
N ASN A 370 36.74 4.81 -15.36
CA ASN A 370 37.37 6.09 -15.66
C ASN A 370 36.45 7.25 -15.35
N LEU A 371 35.14 7.04 -15.41
CA LEU A 371 34.18 8.09 -15.05
C LEU A 371 34.02 8.25 -13.55
N LEU A 372 34.62 7.37 -12.76
CA LEU A 372 34.42 7.34 -11.33
C LEU A 372 35.51 8.13 -10.62
N THR A 373 35.11 9.00 -9.70
CA THR A 373 36.05 9.68 -8.83
C THR A 373 36.70 8.67 -7.88
N ASN A 374 37.74 9.11 -7.19
CA ASN A 374 38.55 8.19 -6.39
C ASN A 374 37.74 7.53 -5.28
N ASP A 375 36.92 8.31 -4.57
CA ASP A 375 36.13 7.75 -3.49
C ASP A 375 34.93 6.96 -4.01
N GLU A 376 34.29 7.45 -5.07
CA GLU A 376 33.17 6.75 -5.69
C GLU A 376 33.61 5.40 -6.24
N LYS A 377 34.80 5.35 -6.83
CA LYS A 377 35.35 4.09 -7.29
C LYS A 377 35.53 3.11 -6.14
N LYS A 378 36.01 3.61 -5.00
CA LYS A 378 36.14 2.76 -3.82
C LYS A 378 34.79 2.29 -3.32
N ASP A 379 33.75 3.14 -3.42
CA ASP A 379 32.42 2.72 -2.99
C ASP A 379 31.87 1.61 -3.87
N TYR A 380 32.08 1.72 -5.19
CA TYR A 380 31.64 0.63 -6.06
C TYR A 380 32.43 -0.64 -5.80
N GLU A 381 33.74 -0.53 -5.59
CA GLU A 381 34.53 -1.70 -5.25
C GLU A 381 34.12 -2.28 -3.90
N GLU A 382 33.59 -1.43 -3.02
CA GLU A 382 33.04 -1.88 -1.76
C GLU A 382 31.77 -2.69 -1.96
N LEU A 383 30.87 -2.19 -2.79
CA LEU A 383 29.60 -2.87 -3.01
C LEU A 383 29.78 -4.16 -3.80
N SER A 384 30.83 -4.25 -4.60
CA SER A 384 30.98 -5.41 -5.48
C SER A 384 31.36 -6.69 -4.75
N LYS A 385 31.72 -6.63 -3.48
CA LYS A 385 32.05 -7.85 -2.74
C LYS A 385 30.85 -8.46 -2.04
N VAL A 386 29.77 -7.70 -1.89
CA VAL A 386 28.53 -8.18 -1.30
C VAL A 386 27.72 -8.92 -2.37
N VAL A 387 26.71 -9.66 -1.96
CA VAL A 387 25.78 -10.29 -2.89
C VAL A 387 24.63 -9.32 -3.11
N THR A 388 24.56 -8.74 -4.31
CA THR A 388 23.58 -7.70 -4.63
C THR A 388 22.70 -8.18 -5.77
N PHE A 389 21.70 -7.36 -6.10
CA PHE A 389 20.73 -7.69 -7.14
C PHE A 389 20.15 -6.42 -7.75
N CYS A 390 19.90 -6.47 -9.07
CA CYS A 390 19.18 -5.45 -9.80
C CYS A 390 19.76 -4.05 -9.59
N PRO A 391 20.87 -3.71 -10.24
CA PRO A 391 21.45 -2.39 -10.03
C PRO A 391 20.51 -1.28 -10.44
N PHE A 392 19.99 -0.57 -9.44
CA PHE A 392 19.17 0.61 -9.65
C PHE A 392 20.01 1.82 -9.25
N GLU A 393 20.00 2.84 -10.10
CA GLU A 393 20.79 4.04 -9.86
C GLU A 393 19.85 5.24 -9.96
N ASN A 394 19.44 5.76 -8.81
CA ASN A 394 18.43 6.81 -8.79
C ASN A 394 18.90 8.06 -9.54
N GLN A 395 20.14 8.48 -9.32
CA GLN A 395 20.63 9.69 -9.98
C GLN A 395 20.99 9.43 -11.44
N LEU A 396 21.61 8.29 -11.75
CA LEU A 396 21.96 8.00 -13.14
C LEU A 396 20.71 7.79 -14.00
N LEU A 397 19.65 7.22 -13.43
CA LEU A 397 18.42 7.03 -14.20
C LEU A 397 17.80 8.37 -14.56
N PHE A 398 17.79 9.33 -13.64
CA PHE A 398 17.21 10.65 -13.91
C PHE A 398 18.00 11.42 -14.96
N ALA A 399 19.20 10.96 -15.31
CA ALA A 399 19.93 11.55 -16.43
C ALA A 399 19.21 11.36 -17.76
N ARG A 400 18.36 10.33 -17.87
CA ARG A 400 17.60 10.15 -19.10
C ARG A 400 16.59 11.28 -19.32
N TYR A 401 15.95 11.73 -18.25
CA TYR A 401 14.96 12.80 -18.37
C TYR A 401 15.62 14.18 -18.38
N ASN A 402 16.54 14.41 -17.44
CA ASN A 402 17.26 15.67 -17.36
C ASN A 402 18.45 15.59 -18.30
N LYS A 403 18.29 16.12 -19.52
CA LYS A 403 19.35 15.99 -20.51
C LYS A 403 20.57 16.83 -20.17
N MET A 404 20.37 17.98 -19.53
CA MET A 404 21.48 18.84 -19.12
C MET A 404 21.97 18.45 -17.73
N SER A 405 22.27 17.17 -17.54
CA SER A 405 22.66 16.63 -16.25
C SER A 405 24.15 16.36 -16.21
N LYS A 406 24.65 16.12 -15.01
CA LYS A 406 26.06 15.81 -14.79
C LYS A 406 26.33 14.31 -14.76
N PHE A 407 25.30 13.48 -14.81
CA PHE A 407 25.45 12.03 -14.78
C PHE A 407 25.18 11.39 -16.14
N CYS A 408 25.03 12.20 -17.20
CA CYS A 408 24.55 11.68 -18.47
C CYS A 408 25.52 10.65 -19.07
N LYS A 409 26.82 10.95 -19.05
CA LYS A 409 27.77 10.02 -19.63
C LYS A 409 27.85 8.72 -18.83
N LYS A 410 27.54 8.78 -17.52
CA LYS A 410 27.55 7.56 -16.73
C LYS A 410 26.34 6.68 -17.03
N GLU A 411 25.18 7.30 -17.24
CA GLU A 411 23.99 6.53 -17.57
C GLU A 411 24.16 5.79 -18.90
N GLN A 412 24.77 6.45 -19.89
CA GLN A 412 24.99 5.80 -21.18
C GLN A 412 25.90 4.58 -21.05
N VAL A 413 27.03 4.73 -20.34
CA VAL A 413 27.96 3.62 -20.22
C VAL A 413 27.35 2.49 -19.40
N LEU A 414 26.67 2.83 -18.31
CA LEU A 414 25.99 1.83 -17.50
C LEU A 414 24.99 1.02 -18.35
N SER A 415 24.14 1.73 -19.09
CA SER A 415 23.13 1.08 -19.91
C SER A 415 23.75 0.22 -21.00
N LYS A 416 24.79 0.74 -21.66
CA LYS A 416 25.43 -0.01 -22.74
C LYS A 416 26.05 -1.30 -22.22
N LEU A 417 26.76 -1.24 -21.09
CA LEU A 417 27.35 -2.45 -20.54
C LEU A 417 26.29 -3.44 -20.10
N LEU A 418 25.20 -2.94 -19.50
CA LEU A 418 24.13 -3.84 -19.06
C LEU A 418 23.49 -4.56 -20.24
N TYR A 419 23.19 -3.83 -21.32
CA TYR A 419 22.56 -4.46 -22.47
C TYR A 419 23.53 -5.41 -23.19
N ALA A 420 24.83 -5.08 -23.21
CA ALA A 420 25.80 -6.01 -23.75
C ALA A 420 25.83 -7.30 -22.95
N LEU A 421 25.80 -7.21 -21.63
CA LEU A 421 25.74 -8.40 -20.80
C LEU A 421 24.47 -9.19 -21.08
N GLN A 422 23.35 -8.49 -21.28
CA GLN A 422 22.09 -9.15 -21.60
C GLN A 422 22.24 -9.99 -22.87
N LYS A 423 22.78 -9.40 -23.93
CA LYS A 423 22.94 -10.14 -25.18
C LYS A 423 23.91 -11.31 -25.03
N GLN A 424 24.99 -11.11 -24.27
CA GLN A 424 25.95 -12.19 -24.06
C GLN A 424 25.30 -13.36 -23.33
N LEU A 425 24.53 -13.07 -22.27
CA LEU A 425 23.83 -14.13 -21.54
C LEU A 425 22.83 -14.85 -22.43
N LYS A 426 22.11 -14.10 -23.26
CA LYS A 426 21.20 -14.71 -24.22
C LYS A 426 21.95 -15.66 -25.16
N ASP A 427 23.13 -15.26 -25.61
CA ASP A 427 23.92 -16.10 -26.50
C ASP A 427 24.39 -17.37 -25.80
N GLU A 428 24.82 -17.27 -24.54
CA GLU A 428 25.40 -18.41 -23.84
C GLU A 428 24.36 -19.37 -23.28
N ASN A 429 23.07 -19.12 -23.49
CA ASN A 429 21.98 -19.97 -22.99
C ASN A 429 22.00 -20.09 -21.47
N ARG A 430 21.86 -18.94 -20.82
CA ARG A 430 21.77 -18.84 -19.37
C ARG A 430 20.46 -18.11 -19.06
N THR A 431 19.37 -18.87 -19.00
CA THR A 431 18.04 -18.28 -19.14
C THR A 431 17.63 -17.47 -17.90
N LYS A 432 17.88 -18.01 -16.71
CA LYS A 432 17.48 -17.29 -15.50
C LYS A 432 18.21 -15.96 -15.38
N GLU A 433 19.53 -15.99 -15.60
CA GLU A 433 20.31 -14.76 -15.56
C GLU A 433 19.91 -13.81 -16.67
N TYR A 434 19.62 -14.32 -17.86
CA TYR A 434 19.21 -13.47 -18.97
C TYR A 434 17.89 -12.77 -18.67
N ILE A 435 16.91 -13.52 -18.14
CA ILE A 435 15.63 -12.93 -17.78
C ILE A 435 15.82 -11.86 -16.71
N TYR A 436 16.65 -12.16 -15.71
CA TYR A 436 16.93 -11.19 -14.66
C TYR A 436 17.49 -9.89 -15.24
N VAL A 437 18.52 -9.99 -16.07
CA VAL A 437 19.17 -8.80 -16.61
C VAL A 437 18.19 -8.01 -17.49
N SER A 438 17.45 -8.71 -18.35
CA SER A 438 16.51 -8.03 -19.23
C SER A 438 15.43 -7.31 -18.43
N CYS A 439 14.97 -7.91 -17.34
CA CYS A 439 13.96 -7.26 -16.54
C CYS A 439 14.51 -6.07 -15.77
N VAL A 440 15.78 -6.12 -15.37
CA VAL A 440 16.42 -4.95 -14.76
C VAL A 440 16.44 -3.79 -15.74
N ASN A 441 16.87 -4.07 -16.97
CA ASN A 441 16.89 -3.04 -18.01
C ASN A 441 15.50 -2.47 -18.24
N LYS A 442 14.51 -3.35 -18.37
CA LYS A 442 13.15 -2.89 -18.68
C LYS A 442 12.56 -2.09 -17.52
N LEU A 443 12.86 -2.48 -16.28
CA LEU A 443 12.36 -1.74 -15.13
C LEU A 443 12.91 -0.32 -15.12
N ARG A 444 14.22 -0.19 -15.33
CA ARG A 444 14.82 1.14 -15.38
C ARG A 444 14.23 1.97 -16.51
N ALA A 445 14.01 1.35 -17.68
CA ALA A 445 13.41 2.09 -18.79
C ALA A 445 11.98 2.52 -18.48
N LYS A 446 11.18 1.62 -17.88
CA LYS A 446 9.75 1.87 -17.73
C LYS A 446 9.42 2.87 -16.64
N TYR A 447 10.25 2.98 -15.60
CA TYR A 447 9.95 3.99 -14.59
C TYR A 447 10.00 5.41 -15.18
N VAL A 448 10.93 5.65 -16.11
CA VAL A 448 11.02 6.95 -16.75
C VAL A 448 9.75 7.25 -17.56
N SER A 449 9.23 6.25 -18.27
CA SER A 449 7.97 6.43 -18.99
C SER A 449 6.84 6.77 -18.03
N TYR A 450 6.78 6.07 -16.90
CA TYR A 450 5.75 6.36 -15.91
C TYR A 450 5.85 7.80 -15.42
N PHE A 451 7.06 8.26 -15.14
CA PHE A 451 7.25 9.64 -14.67
C PHE A 451 6.83 10.65 -15.72
N ILE A 452 7.18 10.42 -16.99
CA ILE A 452 6.81 11.35 -18.05
C ILE A 452 5.30 11.43 -18.18
N LEU A 453 4.63 10.27 -18.17
CA LEU A 453 3.17 10.24 -18.29
C LEU A 453 2.50 10.95 -17.12
N LYS A 454 3.02 10.76 -15.90
CA LYS A 454 2.45 11.42 -14.74
C LYS A 454 2.58 12.95 -14.85
N GLU A 455 3.76 13.42 -15.25
CA GLU A 455 3.95 14.87 -15.39
C GLU A 455 3.03 15.43 -16.47
N LYS A 456 2.84 14.70 -17.57
CA LYS A 456 1.93 15.17 -18.61
C LYS A 456 0.50 15.23 -18.10
N TYR A 457 0.10 14.24 -17.28
CA TYR A 457 -1.21 14.26 -16.67
C TYR A 457 -1.40 15.53 -15.85
N TYR A 458 -0.40 15.88 -15.03
CA TYR A 458 -0.49 17.09 -14.22
C TYR A 458 -0.61 18.33 -15.10
N GLU A 459 0.20 18.41 -16.15
CA GLU A 459 0.18 19.56 -17.05
C GLU A 459 -1.19 19.74 -17.69
N LYS A 460 -1.74 18.66 -18.24
CA LYS A 460 -3.03 18.75 -18.91
C LYS A 460 -4.14 19.10 -17.94
N GLN A 461 -4.10 18.55 -16.72
CA GLN A 461 -5.10 18.91 -15.73
C GLN A 461 -5.05 20.39 -15.40
N LYS A 462 -3.84 20.94 -15.22
CA LYS A 462 -3.71 22.36 -14.92
C LYS A 462 -4.26 23.21 -16.06
N GLU A 463 -3.94 22.83 -17.30
CA GLU A 463 -4.49 23.51 -18.45
C GLU A 463 -6.01 23.54 -18.41
N TYR A 464 -6.63 22.38 -18.17
CA TYR A 464 -8.08 22.28 -18.17
C TYR A 464 -8.71 23.12 -17.06
N ASP A 465 -8.13 23.06 -15.86
CA ASP A 465 -8.68 23.80 -14.74
C ASP A 465 -8.61 25.31 -14.97
N ILE A 466 -7.45 25.80 -15.43
CA ILE A 466 -7.34 27.23 -15.70
C ILE A 466 -8.29 27.63 -16.83
N GLU A 467 -8.48 26.75 -17.81
CA GLU A 467 -9.39 27.03 -18.91
C GLU A 467 -10.83 27.19 -18.41
N MET A 468 -11.27 26.29 -17.53
CA MET A 468 -12.66 26.33 -17.07
C MET A 468 -12.96 27.61 -16.31
N GLY A 469 -12.04 28.03 -15.43
CA GLY A 469 -12.24 29.24 -14.65
C GLY A 469 -13.42 29.14 -13.70
N PHE A 470 -13.32 28.25 -12.71
CA PHE A 470 -14.41 28.01 -11.79
C PHE A 470 -14.55 29.20 -10.84
N VAL A 471 -15.66 29.94 -10.97
CA VAL A 471 -15.96 31.03 -10.07
C VAL A 471 -16.93 30.52 -9.01
N ASP A 472 -16.51 30.55 -7.75
CA ASP A 472 -17.31 30.05 -6.65
C ASP A 472 -17.61 31.18 -5.66
N ASP A 473 -18.81 31.13 -5.07
CA ASP A 473 -19.23 32.21 -4.19
C ASP A 473 -18.54 32.15 -2.84
N SER A 474 -18.41 30.97 -2.26
CA SER A 474 -17.83 30.85 -0.93
C SER A 474 -17.28 29.45 -0.71
N THR A 475 -16.37 29.34 0.24
CA THR A 475 -15.77 28.08 0.63
C THR A 475 -16.56 27.47 1.79
N GLU A 476 -15.98 26.46 2.42
CA GLU A 476 -16.51 25.82 3.65
C GLU A 476 -17.71 24.94 3.36
N SER A 477 -18.20 24.94 2.12
CA SER A 477 -19.31 24.09 1.74
C SER A 477 -19.28 23.89 0.23
N LYS A 478 -19.53 22.65 -0.20
CA LYS A 478 -19.57 22.37 -1.63
C LYS A 478 -20.74 23.09 -2.30
N GLU A 479 -21.86 23.22 -1.60
CA GLU A 479 -23.06 23.80 -2.21
C GLU A 479 -22.83 25.26 -2.60
N SER A 480 -22.08 26.00 -1.79
CA SER A 480 -21.82 27.41 -2.11
C SER A 480 -20.92 27.55 -3.33
N MET A 481 -20.08 26.55 -3.61
CA MET A 481 -19.16 26.61 -4.72
C MET A 481 -19.89 26.36 -6.04
N ASP A 482 -19.20 26.66 -7.14
CA ASP A 482 -19.79 26.50 -8.46
C ASP A 482 -20.16 25.05 -8.71
N LYS A 483 -21.36 24.82 -9.24
CA LYS A 483 -21.81 23.47 -9.53
C LYS A 483 -20.99 22.81 -10.64
N ARG A 484 -20.35 23.61 -11.50
CA ARG A 484 -19.59 23.04 -12.60
C ARG A 484 -18.38 22.27 -12.09
N ARG A 485 -17.84 22.66 -10.93
CA ARG A 485 -16.67 21.97 -10.39
C ARG A 485 -16.98 20.51 -10.08
N THR A 486 -18.23 20.20 -9.78
CA THR A 486 -18.69 18.83 -9.61
C THR A 486 -19.34 18.27 -10.86
N GLU A 487 -19.92 19.13 -11.70
CA GLU A 487 -20.63 18.68 -12.89
C GLU A 487 -19.67 18.26 -14.00
N PHE A 488 -18.54 18.94 -14.13
CA PHE A 488 -17.56 18.66 -15.17
C PHE A 488 -16.17 18.52 -14.57
N PRO A 489 -15.90 17.42 -13.87
CA PRO A 489 -14.54 17.18 -13.38
C PRO A 489 -13.61 16.71 -14.50
N PHE A 490 -12.31 16.85 -14.22
CA PHE A 490 -11.30 16.56 -15.24
C PHE A 490 -11.23 15.08 -15.59
N ARG A 491 -11.66 14.21 -14.69
CA ARG A 491 -11.56 12.77 -14.93
C ARG A 491 -12.43 12.33 -16.09
N ASN A 492 -13.50 13.08 -16.39
CA ASN A 492 -14.44 12.68 -17.42
C ASN A 492 -13.93 12.94 -18.83
N THR A 493 -13.12 13.98 -19.02
CA THR A 493 -12.70 14.37 -20.37
C THR A 493 -11.89 13.25 -21.02
N PRO A 494 -11.93 13.14 -22.35
CA PRO A 494 -11.20 12.06 -23.02
C PRO A 494 -9.71 12.10 -22.80
N VAL A 495 -9.14 13.27 -22.53
CA VAL A 495 -7.70 13.39 -22.33
C VAL A 495 -7.26 12.59 -21.11
N ALA A 496 -8.03 12.68 -20.03
CA ALA A 496 -7.64 12.01 -18.79
C ALA A 496 -7.66 10.49 -18.93
N ASN A 497 -8.53 9.96 -19.78
CA ASN A 497 -8.68 8.51 -19.87
C ASN A 497 -7.49 7.86 -20.57
N GLU A 498 -7.02 8.47 -21.66
CA GLU A 498 -5.87 7.91 -22.38
C GLU A 498 -4.62 7.92 -21.50
N LEU A 499 -4.41 9.01 -20.75
CA LEU A 499 -3.26 9.09 -19.87
C LEU A 499 -3.30 7.98 -18.83
N LEU A 500 -4.47 7.74 -18.24
CA LEU A 500 -4.59 6.70 -17.22
C LEU A 500 -4.44 5.31 -17.82
N SER A 501 -4.89 5.10 -19.05
CA SER A 501 -4.65 3.82 -19.72
C SER A 501 -3.16 3.57 -19.91
N LYS A 502 -2.44 4.58 -20.40
CA LYS A 502 -1.00 4.44 -20.61
C LYS A 502 -0.28 4.19 -19.29
N LEU A 503 -0.69 4.91 -18.24
CA LEU A 503 -0.09 4.74 -16.93
C LEU A 503 -0.33 3.33 -16.40
N ASN A 504 -1.54 2.80 -16.57
CA ASN A 504 -1.83 1.45 -16.11
C ASN A 504 -1.00 0.42 -16.85
N ASN A 505 -0.83 0.60 -18.17
CA ASN A 505 -0.01 -0.34 -18.94
C ASN A 505 1.44 -0.32 -18.44
N VAL A 506 1.99 0.88 -18.23
CA VAL A 506 3.38 0.99 -17.79
C VAL A 506 3.55 0.35 -16.42
N GLN A 507 2.61 0.61 -15.51
CA GLN A 507 2.71 0.04 -14.17
C GLN A 507 2.59 -1.48 -14.21
N GLN A 508 1.77 -2.01 -15.11
CA GLN A 508 1.68 -3.46 -15.28
C GLN A 508 3.03 -4.04 -15.71
N ASP A 509 3.70 -3.38 -16.66
CA ASP A 509 5.02 -3.84 -17.08
C ASP A 509 6.00 -3.81 -15.91
N ILE A 510 5.93 -2.73 -15.10
CA ILE A 510 6.82 -2.59 -13.95
C ILE A 510 6.62 -3.74 -12.97
N ASN A 511 5.36 -4.04 -12.67
CA ASN A 511 5.05 -5.11 -11.73
C ASN A 511 5.58 -6.45 -12.23
N GLY A 512 5.40 -6.73 -13.52
CA GLY A 512 5.91 -7.99 -14.04
C GLY A 512 7.42 -8.11 -13.95
N CYS A 513 8.13 -7.03 -14.28
CA CYS A 513 9.59 -7.07 -14.21
C CYS A 513 10.06 -7.26 -12.76
N LEU A 514 9.41 -6.57 -11.82
CA LEU A 514 9.78 -6.71 -10.41
C LEU A 514 9.56 -8.14 -9.92
N LYS A 515 8.43 -8.74 -10.31
CA LYS A 515 8.18 -10.13 -9.93
C LYS A 515 9.25 -11.06 -10.50
N ASN A 516 9.67 -10.83 -11.75
CA ASN A 516 10.72 -11.66 -12.31
C ASN A 516 12.02 -11.55 -11.50
N ILE A 517 12.40 -10.33 -11.13
CA ILE A 517 13.64 -10.13 -10.38
C ILE A 517 13.57 -10.85 -9.03
N ILE A 518 12.44 -10.69 -8.34
CA ILE A 518 12.29 -11.30 -7.01
C ILE A 518 12.32 -12.82 -7.12
N ASN A 519 11.66 -13.38 -8.14
CA ASN A 519 11.70 -14.82 -8.35
C ASN A 519 13.13 -15.30 -8.55
N TYR A 520 13.92 -14.54 -9.33
CA TYR A 520 15.32 -14.90 -9.51
C TYR A 520 16.06 -14.96 -8.17
N ILE A 521 15.87 -13.93 -7.35
CA ILE A 521 16.57 -13.89 -6.05
C ILE A 521 16.18 -15.07 -5.19
N TYR A 522 14.88 -15.37 -5.13
CA TYR A 522 14.40 -16.45 -4.29
C TYR A 522 14.94 -17.80 -4.76
N LYS A 523 14.95 -18.03 -6.06
CA LYS A 523 15.46 -19.32 -6.53
C LYS A 523 16.97 -19.43 -6.35
N ILE A 524 17.69 -18.32 -6.41
CA ILE A 524 19.12 -18.35 -6.08
C ILE A 524 19.32 -18.77 -4.63
N PHE A 525 18.56 -18.16 -3.71
CA PHE A 525 18.70 -18.52 -2.30
C PHE A 525 18.25 -19.95 -2.04
N GLU A 526 17.21 -20.40 -2.73
CA GLU A 526 16.67 -21.74 -2.51
C GLU A 526 17.61 -22.82 -3.02
N GLN A 527 18.28 -22.56 -4.16
CA GLN A 527 19.10 -23.59 -4.78
C GLN A 527 20.25 -24.02 -3.89
N ASN A 528 20.82 -23.11 -3.11
CA ASN A 528 22.03 -23.38 -2.35
C ASN A 528 21.78 -23.81 -0.91
N GLY A 529 20.53 -23.85 -0.47
CA GLY A 529 20.21 -24.38 0.84
C GLY A 529 20.07 -23.34 1.93
N TYR A 530 19.47 -22.20 1.63
CA TYR A 530 19.16 -21.19 2.64
C TYR A 530 17.75 -21.43 3.16
N LYS A 531 17.65 -21.76 4.44
CA LYS A 531 16.37 -22.19 5.00
C LYS A 531 15.43 -21.03 5.27
N ILE A 532 15.95 -19.86 5.63
CA ILE A 532 15.11 -18.72 5.98
C ILE A 532 15.70 -17.47 5.34
N VAL A 533 14.81 -16.60 4.85
CA VAL A 533 15.17 -15.29 4.34
C VAL A 533 14.48 -14.26 5.23
N ALA A 534 15.26 -13.34 5.80
CA ALA A 534 14.74 -12.32 6.69
C ALA A 534 14.58 -11.01 5.95
N LEU A 535 13.55 -10.26 6.31
CA LEU A 535 13.23 -9.01 5.62
C LEU A 535 12.69 -8.00 6.61
N GLU A 536 12.73 -6.73 6.21
CA GLU A 536 12.12 -5.67 7.00
C GLU A 536 10.59 -5.74 6.90
N ASN A 537 9.94 -5.24 7.94
CA ASN A 537 8.48 -5.13 7.93
C ASN A 537 8.14 -3.75 7.39
N LEU A 538 8.03 -3.67 6.07
CA LEU A 538 7.70 -2.43 5.39
C LEU A 538 6.18 -2.34 5.21
N GLU A 539 5.60 -1.22 5.65
CA GLU A 539 4.16 -1.02 5.55
C GLU A 539 3.75 0.31 4.98
N ASN A 540 4.63 1.31 4.95
CA ASN A 540 4.34 2.60 4.34
C ASN A 540 5.40 2.94 3.31
N SER A 541 4.95 3.47 2.17
CA SER A 541 5.86 4.00 1.16
C SER A 541 5.39 5.37 0.66
N ASN A 542 4.40 5.97 1.31
CA ASN A 542 3.91 7.30 0.93
C ASN A 542 4.59 8.35 1.79
N PHE A 543 5.89 8.49 1.58
CA PHE A 543 6.66 9.54 2.24
C PHE A 543 6.23 10.90 1.74
N GLU A 544 6.29 11.89 2.63
CA GLU A 544 5.97 13.26 2.24
C GLU A 544 7.04 13.82 1.31
N LYS A 545 6.61 14.68 0.39
CA LYS A 545 7.55 15.35 -0.48
C LYS A 545 8.31 16.39 0.33
N LYS A 546 9.42 15.97 0.94
CA LYS A 546 10.09 16.78 1.95
C LYS A 546 10.62 18.09 1.40
N GLN A 547 10.74 18.22 0.08
CA GLN A 547 11.23 19.44 -0.54
C GLN A 547 10.34 19.79 -1.72
N VAL A 548 9.48 20.79 -1.55
CA VAL A 548 8.70 21.37 -2.63
C VAL A 548 9.03 22.86 -2.65
N LEU A 549 9.58 23.33 -3.76
CA LEU A 549 9.91 24.75 -3.86
C LEU A 549 8.64 25.58 -3.76
N PRO A 550 8.68 26.72 -3.09
CA PRO A 550 7.48 27.57 -2.99
C PRO A 550 6.94 27.92 -4.37
N THR A 551 5.74 27.41 -4.68
CA THR A 551 5.18 27.59 -6.01
C THR A 551 4.82 29.06 -6.23
N ILE A 552 4.39 29.37 -7.44
CA ILE A 552 4.15 30.75 -7.82
C ILE A 552 3.05 31.37 -6.96
N LYS A 553 1.96 30.63 -6.74
CA LYS A 553 0.90 31.13 -5.87
C LYS A 553 1.39 31.26 -4.43
N SER A 554 2.12 30.26 -3.94
CA SER A 554 2.56 30.25 -2.56
C SER A 554 3.74 31.18 -2.30
N LEU A 555 4.47 31.59 -3.35
CA LEU A 555 5.52 32.58 -3.16
C LEU A 555 4.97 33.99 -3.09
N LEU A 556 3.73 34.21 -3.56
CA LEU A 556 3.13 35.52 -3.56
C LEU A 556 2.02 35.70 -2.53
N LYS A 557 1.51 34.61 -1.94
CA LYS A 557 0.45 34.70 -0.94
C LYS A 557 0.92 34.32 0.45
N TYR A 558 1.42 33.09 0.63
CA TYR A 558 1.87 32.69 1.95
C TYR A 558 3.19 33.35 2.32
N HIS A 559 4.06 33.57 1.34
CA HIS A 559 5.34 34.23 1.57
C HIS A 559 5.24 35.74 1.53
N LYS A 560 4.12 36.29 1.10
CA LYS A 560 3.86 37.74 1.14
C LYS A 560 4.96 38.51 0.41
N LEU A 561 5.43 37.96 -0.71
CA LEU A 561 6.45 38.58 -1.53
C LEU A 561 5.86 39.27 -2.75
N GLU A 562 4.55 39.48 -2.76
CA GLU A 562 3.87 39.97 -3.96
C GLU A 562 4.35 41.37 -4.33
N ASN A 563 4.33 42.30 -3.38
CA ASN A 563 4.68 43.69 -3.65
C ASN A 563 5.82 44.18 -2.77
N GLN A 564 6.68 43.26 -2.33
CA GLN A 564 7.85 43.63 -1.55
C GLN A 564 8.92 44.19 -2.48
N ASN A 565 10.12 44.38 -1.95
CA ASN A 565 11.22 44.97 -2.70
C ASN A 565 12.26 43.89 -2.99
N VAL A 566 12.71 43.83 -4.24
CA VAL A 566 13.81 42.93 -4.59
C VAL A 566 15.11 43.45 -3.98
N ASN A 567 15.30 44.77 -3.98
CA ASN A 567 16.50 45.35 -3.38
C ASN A 567 16.56 45.07 -1.89
N ASP A 568 15.41 45.12 -1.21
CA ASP A 568 15.30 44.84 0.22
C ASP A 568 14.19 43.80 0.39
N ILE A 569 14.57 42.53 0.40
CA ILE A 569 13.61 41.43 0.47
C ILE A 569 13.28 41.17 1.93
N LYS A 570 12.00 41.32 2.28
CA LYS A 570 11.53 41.08 3.64
C LYS A 570 10.91 39.68 3.75
N ALA A 571 11.76 38.67 3.52
CA ALA A 571 11.30 37.28 3.50
C ALA A 571 12.19 36.40 4.36
N SER A 572 11.99 35.08 4.26
CA SER A 572 12.74 34.13 5.05
C SER A 572 14.18 34.02 4.54
N ASP A 573 15.03 33.42 5.38
CA ASP A 573 16.40 33.14 4.96
C ASP A 573 16.43 32.13 3.81
N LYS A 574 15.57 31.11 3.88
CA LYS A 574 15.49 30.15 2.79
C LYS A 574 14.99 30.80 1.52
N VAL A 575 14.05 31.74 1.65
CA VAL A 575 13.59 32.48 0.46
C VAL A 575 14.72 33.31 -0.12
N LYS A 576 15.58 33.85 0.75
CA LYS A 576 16.76 34.55 0.26
C LYS A 576 17.68 33.60 -0.50
N GLU A 577 17.87 32.39 0.03
CA GLU A 577 18.69 31.40 -0.67
C GLU A 577 18.10 31.08 -2.05
N TYR A 578 16.78 30.95 -2.12
CA TYR A 578 16.13 30.63 -3.39
C TYR A 578 16.23 31.78 -4.38
N ILE A 579 16.07 33.01 -3.90
CA ILE A 579 16.14 34.17 -4.79
C ILE A 579 17.56 34.37 -5.31
N GLU A 580 18.56 34.11 -4.45
CA GLU A 580 19.95 34.28 -4.88
C GLU A 580 20.28 33.40 -6.08
N ASN A 581 19.85 32.13 -6.05
CA ASN A 581 19.98 31.28 -7.22
C ASN A 581 18.87 31.58 -8.21
N GLY A 582 19.08 31.18 -9.46
CA GLY A 582 18.17 31.54 -10.53
C GLY A 582 16.93 30.68 -10.65
N TYR A 583 16.38 30.24 -9.51
CA TYR A 583 15.18 29.41 -9.56
C TYR A 583 13.98 30.18 -10.13
N TYR A 584 13.83 31.43 -9.73
CA TYR A 584 12.62 32.20 -10.04
C TYR A 584 12.93 33.33 -11.01
N GLU A 585 11.88 33.83 -11.65
CA GLU A 585 11.94 34.99 -12.55
C GLU A 585 10.90 35.99 -12.05
N LEU A 586 11.33 36.91 -11.19
CA LEU A 586 10.43 37.91 -10.61
C LEU A 586 10.16 38.99 -11.64
N ILE A 587 8.92 39.04 -12.12
CA ILE A 587 8.54 40.03 -13.16
C ILE A 587 8.08 41.27 -12.40
N THR A 588 9.04 42.10 -12.04
CA THR A 588 8.74 43.34 -11.35
C THR A 588 8.21 44.38 -12.33
N ASN A 589 7.43 45.33 -11.80
CA ASN A 589 6.88 46.41 -12.61
C ASN A 589 7.84 47.59 -12.60
N GLU A 590 7.36 48.75 -13.06
CA GLU A 590 8.20 49.94 -13.12
C GLU A 590 8.67 50.40 -11.75
N ASN A 591 7.98 50.01 -10.68
CA ASN A 591 8.33 50.40 -9.32
C ASN A 591 8.94 49.24 -8.53
N ASN A 592 9.52 48.25 -9.22
CA ASN A 592 10.12 47.08 -8.58
C ASN A 592 9.11 46.32 -7.73
N GLU A 593 7.84 46.29 -8.16
CA GLU A 593 6.81 45.50 -7.51
C GLU A 593 6.51 44.29 -8.38
N ILE A 594 6.56 43.11 -7.78
CA ILE A 594 6.40 41.86 -8.52
C ILE A 594 4.93 41.69 -8.89
N VAL A 595 4.66 41.46 -10.17
CA VAL A 595 3.29 41.25 -10.63
C VAL A 595 3.12 39.77 -10.98
N ASP A 596 4.18 39.16 -11.50
CA ASP A 596 4.17 37.75 -11.85
C ASP A 596 5.52 37.14 -11.53
N ALA A 597 5.53 35.84 -11.30
CA ALA A 597 6.75 35.07 -11.09
C ALA A 597 6.69 33.82 -11.95
N LYS A 598 7.81 33.49 -12.59
CA LYS A 598 7.88 32.36 -13.50
C LYS A 598 8.99 31.42 -13.07
N TYR A 599 8.69 30.12 -13.10
CA TYR A 599 9.70 29.10 -12.84
C TYR A 599 10.70 29.05 -13.99
N THR A 600 11.96 29.37 -13.70
CA THR A 600 12.99 29.28 -14.73
C THR A 600 13.32 27.81 -15.01
N GLU A 601 14.28 27.60 -15.91
CA GLU A 601 14.64 26.24 -16.29
C GLU A 601 15.21 25.48 -15.10
N LYS A 602 16.07 26.13 -14.32
CA LYS A 602 16.70 25.46 -13.17
C LYS A 602 15.67 25.09 -12.12
N GLY A 603 14.78 26.02 -11.77
CA GLY A 603 13.78 25.73 -10.76
C GLY A 603 12.77 24.70 -11.21
N ALA A 604 12.33 24.78 -12.46
CA ALA A 604 11.41 23.77 -12.98
C ALA A 604 12.06 22.40 -13.00
N MET A 605 13.35 22.32 -13.36
CA MET A 605 14.04 21.05 -13.32
C MET A 605 14.19 20.53 -11.89
N LYS A 606 14.39 21.43 -10.92
CA LYS A 606 14.45 21.00 -9.53
C LYS A 606 13.11 20.44 -9.06
N VAL A 607 12.01 21.07 -9.47
CA VAL A 607 10.68 20.56 -9.14
C VAL A 607 10.47 19.19 -9.76
N LYS A 608 10.89 19.02 -11.02
CA LYS A 608 10.79 17.72 -11.67
C LYS A 608 11.62 16.67 -10.95
N ASN A 609 12.80 17.04 -10.47
CA ASN A 609 13.65 16.10 -9.75
C ASN A 609 13.00 15.65 -8.45
N ALA A 610 12.42 16.58 -7.70
CA ALA A 610 11.74 16.22 -6.47
C ALA A 610 10.57 15.27 -6.76
N ASN A 611 9.78 15.58 -7.79
CA ASN A 611 8.68 14.69 -8.16
C ASN A 611 9.19 13.32 -8.57
N PHE A 612 10.28 13.27 -9.34
CA PHE A 612 10.85 12.02 -9.80
C PHE A 612 11.18 11.11 -8.62
N PHE A 613 11.96 11.64 -7.67
CA PHE A 613 12.35 10.78 -6.56
C PHE A 613 11.18 10.43 -5.66
N ASN A 614 10.23 11.35 -5.49
CA ASN A 614 9.08 11.03 -4.64
C ASN A 614 8.24 9.91 -5.25
N LEU A 615 7.98 9.99 -6.56
CA LEU A 615 7.16 8.98 -7.21
C LEU A 615 7.88 7.64 -7.33
N MET A 616 9.22 7.64 -7.34
CA MET A 616 9.95 6.38 -7.45
C MET A 616 9.62 5.45 -6.29
N MET A 617 9.44 6.01 -5.10
CA MET A 617 9.17 5.18 -3.92
C MET A 617 7.88 4.38 -4.11
N LYS A 618 6.85 5.02 -4.67
CA LYS A 618 5.55 4.38 -4.79
C LYS A 618 5.47 3.48 -6.01
N SER A 619 5.87 3.97 -7.17
CA SER A 619 5.65 3.22 -8.40
C SER A 619 6.44 1.91 -8.41
N LEU A 620 7.51 1.81 -7.64
CA LEU A 620 8.26 0.57 -7.53
C LEU A 620 7.78 -0.33 -6.41
N HIS A 621 6.72 0.07 -5.70
CA HIS A 621 6.10 -0.74 -4.66
C HIS A 621 7.10 -1.13 -3.58
N PHE A 622 7.59 -0.10 -2.89
CA PHE A 622 8.66 -0.28 -1.90
C PHE A 622 8.24 -1.22 -0.79
N ALA A 623 7.01 -1.07 -0.29
CA ALA A 623 6.51 -1.86 0.84
C ALA A 623 5.69 -3.06 0.42
N SER A 624 6.01 -3.66 -0.73
CA SER A 624 5.26 -4.82 -1.20
C SER A 624 6.13 -5.90 -1.82
N VAL A 625 7.46 -5.80 -1.73
CA VAL A 625 8.30 -6.86 -2.26
C VAL A 625 8.35 -8.03 -1.30
N LYS A 626 8.14 -7.77 0.00
CA LYS A 626 8.01 -8.87 0.96
C LYS A 626 6.77 -9.70 0.66
N ASP A 627 5.73 -9.09 0.10
CA ASP A 627 4.56 -9.85 -0.30
C ASP A 627 4.89 -10.85 -1.41
N GLU A 628 5.71 -10.43 -2.38
CA GLU A 628 6.18 -11.35 -3.41
C GLU A 628 7.03 -12.45 -2.81
N PHE A 629 7.91 -12.12 -1.87
CA PHE A 629 8.72 -13.15 -1.22
C PHE A 629 7.85 -14.14 -0.46
N VAL A 630 6.79 -13.67 0.19
CA VAL A 630 5.88 -14.57 0.88
C VAL A 630 5.17 -15.49 -0.11
N LEU A 631 4.65 -14.91 -1.20
CA LEU A 631 3.96 -15.71 -2.21
C LEU A 631 4.87 -16.78 -2.78
N LEU A 632 6.17 -16.46 -2.94
CA LEU A 632 7.11 -17.47 -3.40
C LEU A 632 7.42 -18.48 -2.32
N SER A 633 7.33 -18.08 -1.06
CA SER A 633 7.58 -18.99 0.05
C SER A 633 6.42 -19.94 0.32
N ASN A 634 5.26 -19.69 -0.30
CA ASN A 634 4.11 -20.57 -0.08
C ASN A 634 4.41 -22.00 -0.54
N ASN A 635 5.07 -22.17 -1.69
CA ASN A 635 5.37 -23.49 -2.20
C ASN A 635 6.84 -23.90 -2.08
N GLY A 636 7.76 -22.93 -1.95
CA GLY A 636 9.17 -23.25 -1.94
C GLY A 636 9.68 -23.75 -0.60
N LYS A 637 10.93 -24.22 -0.61
CA LYS A 637 11.55 -24.73 0.59
C LYS A 637 12.03 -23.64 1.54
N THR A 638 12.34 -22.45 1.01
CA THR A 638 12.81 -21.35 1.82
C THR A 638 11.62 -20.57 2.38
N GLN A 639 11.72 -20.18 3.64
CA GLN A 639 10.67 -19.44 4.32
C GLN A 639 11.06 -17.97 4.46
N ILE A 640 10.14 -17.18 5.01
CA ILE A 640 10.30 -15.73 5.10
C ILE A 640 10.12 -15.32 6.56
N ALA A 641 10.97 -14.39 7.01
CA ALA A 641 10.88 -13.79 8.34
C ALA A 641 10.79 -12.28 8.20
N LEU A 642 9.82 -11.67 8.88
CA LEU A 642 9.65 -10.23 8.85
C LEU A 642 10.06 -9.65 10.19
N VAL A 643 10.94 -8.65 10.15
CA VAL A 643 11.52 -8.06 11.36
C VAL A 643 11.16 -6.59 11.36
N PRO A 644 11.19 -5.94 12.52
CA PRO A 644 10.84 -4.51 12.57
C PRO A 644 11.90 -3.66 11.88
N SER A 645 11.46 -2.80 10.97
CA SER A 645 12.37 -1.98 10.18
C SER A 645 12.72 -0.67 10.90
N GLU A 646 13.17 -0.78 12.13
CA GLU A 646 13.59 0.37 12.92
C GLU A 646 15.05 0.20 13.31
N PHE A 647 15.85 1.21 13.02
CA PHE A 647 17.27 1.27 13.38
C PHE A 647 18.08 0.14 12.76
N THR A 648 17.61 -0.43 11.65
CA THR A 648 18.39 -1.45 10.98
C THR A 648 19.54 -0.84 10.17
N SER A 649 19.33 0.36 9.62
CA SER A 649 20.39 1.12 8.99
C SER A 649 20.95 2.18 9.91
N GLN A 650 20.90 1.93 11.22
CA GLN A 650 21.37 2.88 12.22
C GLN A 650 22.09 2.18 13.36
N MET A 651 22.33 0.87 13.26
CA MET A 651 22.88 0.06 14.34
C MET A 651 24.10 -0.69 13.82
N ASP A 652 25.03 -0.97 14.74
CA ASP A 652 26.26 -1.66 14.38
C ASP A 652 25.99 -3.12 14.08
N SER A 653 26.53 -3.62 12.98
CA SER A 653 26.42 -5.03 12.63
C SER A 653 27.54 -5.87 13.22
N THR A 654 28.57 -5.25 13.79
CA THR A 654 29.68 -5.97 14.38
C THR A 654 29.59 -6.07 15.91
N ASP A 655 28.76 -5.24 16.53
CA ASP A 655 28.49 -5.31 17.95
C ASP A 655 27.02 -5.57 18.27
N HIS A 656 26.12 -5.35 17.31
CA HIS A 656 24.68 -5.48 17.53
C HIS A 656 24.20 -4.56 18.65
N CYS A 657 24.66 -3.31 18.59
CA CYS A 657 24.35 -2.30 19.59
C CYS A 657 24.01 -0.99 18.91
N LEU A 658 23.24 -0.16 19.60
CA LEU A 658 22.94 1.20 19.16
C LEU A 658 24.04 2.16 19.59
N TYR A 659 24.06 3.33 18.95
CA TYR A 659 25.02 4.38 19.26
C TYR A 659 24.29 5.50 20.00
N MET A 660 24.60 5.65 21.28
CA MET A 660 23.99 6.68 22.12
C MET A 660 25.08 7.54 22.72
N LYS A 661 24.94 8.85 22.60
CA LYS A 661 25.90 9.80 23.13
C LYS A 661 25.32 10.54 24.33
N LYS A 662 26.20 11.18 25.10
CA LYS A 662 25.78 11.90 26.28
C LYS A 662 25.09 13.20 25.89
N ASN A 663 24.65 13.94 26.90
CA ASN A 663 23.96 15.21 26.73
C ASN A 663 24.64 16.28 27.58
N ASP A 664 24.15 17.51 27.46
CA ASP A 664 24.64 18.60 28.31
C ASP A 664 24.34 18.31 29.78
N LYS A 665 23.24 17.61 30.06
CA LYS A 665 22.89 17.20 31.41
C LYS A 665 23.56 15.89 31.81
N GLY A 666 24.36 15.29 30.93
CA GLY A 666 24.96 14.01 31.19
C GLY A 666 24.09 12.82 30.86
N LYS A 667 22.91 13.04 30.29
CA LYS A 667 22.00 11.96 29.96
C LYS A 667 22.40 11.30 28.64
N LEU A 668 22.22 9.99 28.57
CA LEU A 668 22.44 9.25 27.33
C LEU A 668 21.23 9.43 26.43
N VAL A 669 21.44 10.01 25.25
CA VAL A 669 20.35 10.27 24.31
C VAL A 669 20.65 9.57 23.00
N LYS A 670 19.74 9.72 22.03
CA LYS A 670 19.86 9.04 20.75
C LYS A 670 20.61 9.92 19.77
N ALA A 671 21.71 9.41 19.22
CA ALA A 671 22.46 10.12 18.21
C ALA A 671 21.65 10.24 16.93
N ASP A 672 21.85 11.35 16.22
CA ASP A 672 21.11 11.60 15.00
C ASP A 672 21.45 10.54 13.95
N LYS A 673 20.49 10.28 13.06
CA LYS A 673 20.71 9.30 12.00
C LYS A 673 21.79 9.74 11.03
N LYS A 674 22.09 11.03 10.95
CA LYS A 674 23.13 11.53 10.06
C LYS A 674 24.49 11.59 10.72
N GLU A 675 24.62 11.15 11.97
CA GLU A 675 25.91 11.07 12.64
C GLU A 675 26.55 9.70 12.52
N VAL A 676 25.77 8.62 12.64
CA VAL A 676 26.30 7.29 12.37
C VAL A 676 26.42 7.02 10.88
N ARG A 677 25.85 7.88 10.05
CA ARG A 677 25.86 7.77 8.60
C ARG A 677 26.56 9.00 8.04
N THR A 678 27.89 8.94 7.96
CA THR A 678 28.64 10.06 7.39
C THR A 678 28.25 10.29 5.95
N LYS A 679 28.57 9.34 5.08
CA LYS A 679 28.04 9.28 3.73
C LYS A 679 26.90 8.27 3.69
N GLN A 680 26.00 8.47 2.74
CA GLN A 680 24.85 7.57 2.63
C GLN A 680 25.26 6.14 2.34
N GLU A 681 26.49 5.93 1.85
CA GLU A 681 26.98 4.61 1.49
C GLU A 681 27.86 3.96 2.55
N LYS A 682 28.13 4.65 3.65
CA LYS A 682 29.08 4.15 4.64
C LYS A 682 28.51 4.29 6.04
N HIS A 683 28.80 3.31 6.88
CA HIS A 683 28.50 3.35 8.30
C HIS A 683 29.80 3.42 9.09
N ILE A 684 29.78 4.18 10.18
CA ILE A 684 30.97 4.51 10.96
C ILE A 684 31.75 3.27 11.39
N ASN A 685 31.07 2.12 11.46
CA ASN A 685 31.76 0.89 11.83
C ASN A 685 32.76 0.43 10.77
N GLY A 686 32.72 1.01 9.57
CA GLY A 686 33.66 0.66 8.53
C GLY A 686 33.13 -0.41 7.60
N LEU A 687 31.85 -0.30 7.21
CA LEU A 687 31.21 -1.25 6.32
C LEU A 687 30.30 -0.49 5.36
N ASN A 688 29.60 -1.24 4.53
CA ASN A 688 28.59 -0.67 3.65
C ASN A 688 27.25 -0.65 4.39
N ALA A 689 26.56 0.48 4.34
CA ALA A 689 25.35 0.64 5.13
C ALA A 689 24.29 -0.39 4.74
N ASP A 690 24.14 -0.67 3.44
CA ASP A 690 23.25 -1.75 3.02
C ASP A 690 23.76 -3.10 3.47
N PHE A 691 25.07 -3.31 3.41
CA PHE A 691 25.64 -4.52 4.01
C PHE A 691 25.51 -4.50 5.51
N ASN A 692 25.51 -3.30 6.10
CA ASN A 692 25.25 -3.16 7.53
C ASN A 692 23.78 -3.44 7.82
N ALA A 693 22.88 -2.83 7.04
CA ALA A 693 21.45 -2.97 7.29
C ALA A 693 20.98 -4.40 7.09
N ALA A 694 21.52 -5.09 6.07
CA ALA A 694 21.11 -6.46 5.83
C ALA A 694 21.69 -7.40 6.87
N ASN A 695 22.90 -7.13 7.36
CA ASN A 695 23.49 -7.95 8.40
C ASN A 695 22.88 -7.68 9.77
N ASN A 696 22.31 -6.49 9.98
CA ASN A 696 21.46 -6.28 11.15
C ASN A 696 20.20 -7.13 11.07
N ILE A 697 19.59 -7.19 9.88
CA ILE A 697 18.34 -7.91 9.70
C ILE A 697 18.52 -9.39 10.04
N LYS A 698 19.62 -9.97 9.58
CA LYS A 698 19.89 -11.39 9.82
C LYS A 698 20.04 -11.70 11.30
N TYR A 699 20.40 -10.71 12.12
CA TYR A 699 20.73 -11.01 13.50
C TYR A 699 19.51 -11.41 14.32
N ILE A 700 18.33 -10.86 14.00
CA ILE A 700 17.12 -11.23 14.75
C ILE A 700 16.86 -12.72 14.62
N VAL A 701 16.99 -13.24 13.39
CA VAL A 701 16.79 -14.67 13.15
C VAL A 701 17.93 -15.48 13.74
N GLU A 702 19.15 -14.97 13.65
CA GLU A 702 20.33 -15.74 14.05
C GLU A 702 20.32 -16.06 15.54
N ASN A 703 19.94 -15.10 16.36
CA ASN A 703 19.98 -15.24 17.81
C ASN A 703 18.60 -15.67 18.32
N GLU A 704 18.58 -16.78 19.07
CA GLU A 704 17.33 -17.27 19.62
C GLU A 704 16.72 -16.27 20.60
N VAL A 705 17.55 -15.46 21.24
CA VAL A 705 17.05 -14.48 22.21
C VAL A 705 16.24 -13.39 21.50
N TRP A 706 16.81 -12.81 20.43
CA TRP A 706 16.14 -11.71 19.75
C TRP A 706 14.96 -12.19 18.92
N ARG A 707 14.99 -13.45 18.50
CA ARG A 707 13.88 -14.01 17.73
C ARG A 707 12.61 -14.05 18.57
N GLU A 708 12.72 -14.45 19.84
CA GLU A 708 11.59 -14.48 20.74
C GLU A 708 11.21 -13.08 21.23
N ILE A 709 12.18 -12.19 21.38
CA ILE A 709 11.91 -10.86 21.91
C ILE A 709 11.14 -10.02 20.90
N PHE A 710 11.56 -10.04 19.64
CA PHE A 710 10.97 -9.16 18.64
C PHE A 710 10.00 -9.84 17.70
N CYS A 711 10.20 -11.12 17.40
CA CYS A 711 9.38 -11.83 16.43
C CYS A 711 8.40 -12.76 17.13
N THR A 712 7.23 -12.93 16.52
CA THR A 712 6.17 -13.75 17.07
C THR A 712 6.55 -15.23 17.01
N ARG A 713 5.85 -16.02 17.83
CA ARG A 713 6.09 -17.46 17.85
C ARG A 713 5.67 -18.09 16.53
N PRO A 714 6.38 -19.12 16.07
CA PRO A 714 5.99 -19.81 14.84
C PRO A 714 4.69 -20.59 14.99
N LYS A 715 3.64 -20.12 14.31
CA LYS A 715 2.34 -20.77 14.33
C LYS A 715 2.28 -21.82 13.22
N LYS A 716 1.08 -22.32 12.94
CA LYS A 716 0.89 -23.22 11.81
C LYS A 716 1.08 -22.47 10.50
N ALA A 717 1.56 -23.19 9.50
CA ALA A 717 1.75 -22.59 8.18
C ALA A 717 0.41 -22.20 7.57
N GLU A 718 0.37 -21.01 6.97
CA GLU A 718 -0.86 -20.50 6.37
C GLU A 718 -0.51 -19.75 5.09
N TYR A 719 -1.52 -19.62 4.24
CA TYR A 719 -1.35 -18.95 2.95
C TYR A 719 -1.05 -17.47 3.15
N ASN A 720 0.00 -16.99 2.48
CA ASN A 720 0.43 -15.59 2.55
C ASN A 720 0.74 -15.17 3.99
N VAL A 721 1.44 -16.02 4.73
CA VAL A 721 1.78 -15.77 6.12
C VAL A 721 3.26 -16.08 6.35
N PRO A 722 4.05 -15.13 6.83
CA PRO A 722 5.47 -15.44 7.11
C PRO A 722 5.61 -16.41 8.26
N SER A 723 6.68 -17.21 8.20
CA SER A 723 6.99 -18.12 9.30
C SER A 723 7.33 -17.36 10.56
N LEU A 724 7.87 -16.15 10.43
CA LEU A 724 8.10 -15.25 11.55
C LEU A 724 7.55 -13.88 11.17
N ASP A 725 6.83 -13.25 12.09
CA ASP A 725 6.25 -11.95 11.86
C ASP A 725 6.49 -11.08 13.09
N THR A 726 6.03 -9.84 13.03
CA THR A 726 6.20 -8.91 14.14
C THR A 726 4.91 -8.16 14.41
N THR A 727 4.65 -7.92 15.70
CA THR A 727 3.54 -7.10 16.14
C THR A 727 3.96 -5.67 16.44
N LYS A 728 5.12 -5.49 17.07
CA LYS A 728 5.61 -4.16 17.41
C LYS A 728 5.75 -3.31 16.16
N LYS A 729 5.31 -2.06 16.26
CA LYS A 729 5.32 -1.14 15.11
C LYS A 729 5.59 0.26 15.64
N GLY A 730 6.81 0.75 15.44
CA GLY A 730 7.15 2.10 15.81
C GLY A 730 8.53 2.24 16.39
N PRO A 731 9.18 3.37 16.09
CA PRO A 731 10.52 3.62 16.64
C PRO A 731 10.57 3.60 18.16
N SER A 732 9.55 4.16 18.83
CA SER A 732 9.53 4.16 20.28
C SER A 732 9.46 2.75 20.84
N ALA A 733 8.61 1.91 20.23
CA ALA A 733 8.47 0.53 20.70
C ALA A 733 9.77 -0.24 20.54
N ILE A 734 10.45 -0.08 19.40
CA ILE A 734 11.68 -0.83 19.15
C ILE A 734 12.82 -0.28 19.99
N LEU A 735 12.93 1.05 20.08
CA LEU A 735 14.01 1.67 20.85
C LEU A 735 13.89 1.30 22.33
N HIS A 736 12.67 1.27 22.85
CA HIS A 736 12.45 0.89 24.25
C HIS A 736 12.94 -0.53 24.52
N MET A 737 12.62 -1.47 23.63
CA MET A 737 13.06 -2.83 23.83
C MET A 737 14.56 -2.99 23.65
N LEU A 738 15.16 -2.19 22.76
CA LEU A 738 16.60 -2.26 22.55
C LEU A 738 17.36 -1.88 23.83
N LYS A 739 16.88 -0.87 24.54
CA LYS A 739 17.56 -0.43 25.76
C LYS A 739 17.53 -1.50 26.83
N LYS A 740 16.42 -2.24 26.94
CA LYS A 740 16.25 -3.14 28.07
C LYS A 740 17.15 -4.37 28.01
N ILE A 741 17.73 -4.69 26.85
CA ILE A 741 18.63 -5.83 26.73
C ILE A 741 20.08 -5.40 26.58
N GLU A 742 20.39 -4.14 26.91
CA GLU A 742 21.76 -3.62 26.91
C GLU A 742 22.42 -3.71 25.55
N ALA A 743 21.62 -3.63 24.48
CA ALA A 743 22.15 -3.64 23.12
C ALA A 743 22.47 -2.20 22.71
N ILE A 744 23.45 -1.63 23.41
CA ILE A 744 23.78 -0.21 23.32
C ILE A 744 25.27 -0.03 23.58
N LYS A 745 25.89 0.84 22.79
CA LYS A 745 27.28 1.23 23.00
C LYS A 745 27.37 2.76 22.95
N ILE A 746 28.40 3.30 23.58
CA ILE A 746 28.53 4.75 23.72
C ILE A 746 29.37 5.28 22.56
N LEU A 747 28.81 6.23 21.82
CA LEU A 747 29.51 6.86 20.71
C LEU A 747 30.60 7.79 21.26
N GLU A 748 31.47 8.23 20.35
CA GLU A 748 32.60 9.09 20.73
C GLU A 748 32.15 10.36 21.44
#